data_2QRD
#
_entry.id   2QRD
#
_cell.length_a   168.263
_cell.length_b   78.365
_cell.length_c   109.014
_cell.angle_alpha   90.00
_cell.angle_beta   124.18
_cell.angle_gamma   90.00
#
_symmetry.space_group_name_H-M   'C 1 2 1'
#
loop_
_entity.id
_entity.type
_entity.pdbx_description
1 polymer 'SNF1-like protein kinase ssp2'
2 polymer 'SPCC1919.03c protein'
3 polymer 'Protein C1556.08c'
4 non-polymer "ADENOSINE-5'-DIPHOSPHATE"
5 non-polymer "ADENOSINE-5'-TRIPHOSPHATE"
6 water water
#
loop_
_entity_poly.entity_id
_entity_poly.type
_entity_poly.pdbx_seq_one_letter_code
_entity_poly.pdbx_strand_id
1 'polypeptide(L)'
;SQSTRKKSRRNKWHFGVRCRGDAPEILLAVYRALQRAGAQFTVPKPVNGKYRSDMYTIKSRWEIPHCKREGKNTYAYIEL
QLYEVMPGCFMLDVKSNGYKDIYSHPERTADHGMDDLKSSFPFLDLCAMLVCKLFSA
;
A,C
2 'polypeptide(L)'
;MSESEQYSTEIPAFLTSNTLQELKLPKPPSLPPHLEKCILNSNTAYKEDQSVLPNPNHVLLNHLAAANTQLGVLALSATT
RYHRKYVTTAMFKNFDV
;
B,D
3 'polypeptide(L)'
;AMDVQETQKGALKEIQAFIRSRTSYDVLPTSFRLIVFDVTLFVKTSLSLLTLNNIVSAPLWDSEANKFAGLLTMADFVNV
IKYYYQSSSFPEAIAEIDKFRLLGLREVERKIGAIPPETIYVHPMHSLMDACLAMSKSRARRIPLIDVDGETGSEMIVSV
LTQYRILKFISMNCKETAMLRVPLNQMTIGTWSNLATASMETKVYDVIKMLAEKNISAVPIVNSEGTLLNVYESVDVMHL
IQDGDYSNLDLSVGEALLKRPANFDGVHTCRATDRLDGIFDAIKHSRVHRLFVVDENLKLEGILSLADILNYIIYDKTTT
PGVPEQTDNFESAV
;
G,E
#
# COMPACT_ATOMS: atom_id res chain seq x y z
N ASN A 11 -4.93 0.15 20.08
CA ASN A 11 -4.32 -0.58 18.91
C ASN A 11 -3.64 -1.90 19.28
N LYS A 12 -3.82 -2.30 20.53
CA LYS A 12 -3.34 -3.60 20.98
C LYS A 12 -4.33 -4.78 20.63
N TRP A 13 -3.88 -6.01 20.86
CA TRP A 13 -4.71 -7.18 20.64
C TRP A 13 -5.81 -7.26 21.70
N HIS A 14 -7.00 -7.62 21.26
CA HIS A 14 -8.15 -7.76 22.14
C HIS A 14 -8.90 -9.00 21.67
N PHE A 15 -9.55 -9.69 22.61
CA PHE A 15 -10.34 -10.85 22.30
C PHE A 15 -11.58 -10.37 21.54
N GLY A 16 -12.02 -11.19 20.59
CA GLY A 16 -13.26 -11.01 19.88
C GLY A 16 -13.26 -9.88 18.86
N VAL A 17 -14.47 -9.46 18.50
CA VAL A 17 -14.73 -8.28 17.72
C VAL A 17 -15.62 -7.26 18.50
N ARG A 18 -15.26 -5.99 18.39
CA ARG A 18 -15.98 -4.90 19.06
C ARG A 18 -17.28 -4.60 18.34
N CYS A 19 -18.31 -4.32 19.14
CA CYS A 19 -19.58 -3.88 18.60
C CYS A 19 -20.16 -2.81 19.48
N ARG A 20 -21.14 -2.10 18.95
CA ARG A 20 -21.77 -0.98 19.63
C ARG A 20 -23.22 -0.94 19.26
N GLY A 21 -24.00 -0.21 20.03
CA GLY A 21 -25.41 0.02 19.72
C GLY A 21 -26.28 -0.88 20.56
N ASP A 22 -27.24 -1.51 19.89
CA ASP A 22 -28.24 -2.34 20.54
C ASP A 22 -27.86 -3.80 20.43
N ALA A 23 -27.96 -4.54 21.53
CA ALA A 23 -27.57 -5.95 21.58
C ALA A 23 -28.45 -6.86 20.70
N PRO A 24 -29.79 -6.64 20.69
CA PRO A 24 -30.62 -7.35 19.70
C PRO A 24 -30.33 -6.92 18.24
N GLU A 25 -29.94 -5.67 18.00
CA GLU A 25 -29.52 -5.29 16.65
C GLU A 25 -28.19 -5.94 16.22
N ILE A 26 -27.28 -6.06 17.17
CA ILE A 26 -26.01 -6.74 16.99
C ILE A 26 -26.26 -8.23 16.77
N LEU A 27 -27.11 -8.84 17.60
CA LEU A 27 -27.43 -10.25 17.45
C LEU A 27 -27.97 -10.54 16.03
N LEU A 28 -28.99 -9.76 15.59
CA LEU A 28 -29.46 -9.78 14.20
C LEU A 28 -28.34 -9.72 13.14
N ALA A 29 -27.41 -8.76 13.28
CA ALA A 29 -26.29 -8.57 12.34
C ALA A 29 -25.35 -9.79 12.30
N VAL A 30 -25.09 -10.36 13.47
CA VAL A 30 -24.33 -11.60 13.59
C VAL A 30 -25.00 -12.77 12.84
N TYR A 31 -26.32 -12.92 12.99
CA TYR A 31 -27.06 -13.99 12.32
C TYR A 31 -27.08 -13.79 10.83
N ARG A 32 -27.19 -12.53 10.41
CA ARG A 32 -27.17 -12.20 9.00
C ARG A 32 -25.81 -12.51 8.37
N ALA A 33 -24.75 -12.10 9.05
CA ALA A 33 -23.37 -12.44 8.66
C ALA A 33 -23.08 -13.97 8.59
N LEU A 34 -23.53 -14.73 9.60
CA LEU A 34 -23.43 -16.19 9.60
C LEU A 34 -24.13 -16.79 8.38
N GLN A 35 -25.30 -16.26 8.04
CA GLN A 35 -26.07 -16.78 6.94
C GLN A 35 -25.43 -16.44 5.59
N ARG A 36 -24.83 -15.26 5.47
CA ARG A 36 -24.10 -14.91 4.24
C ARG A 36 -22.85 -15.75 4.06
N ALA A 37 -22.17 -16.06 5.17
CA ALA A 37 -20.98 -16.91 5.11
C ALA A 37 -21.32 -18.38 4.84
N GLY A 38 -22.60 -18.72 4.91
CA GLY A 38 -23.09 -20.09 4.72
C GLY A 38 -23.12 -20.98 5.96
N ALA A 39 -22.83 -20.43 7.14
CA ALA A 39 -22.82 -21.20 8.38
C ALA A 39 -24.25 -21.61 8.76
N GLN A 40 -24.36 -22.63 9.61
CA GLN A 40 -25.64 -23.00 10.21
C GLN A 40 -25.48 -22.79 11.70
N PHE A 41 -26.61 -22.58 12.37
CA PHE A 41 -26.58 -22.02 13.71
C PHE A 41 -27.79 -22.45 14.54
N THR A 42 -27.61 -22.48 15.86
CA THR A 42 -28.73 -22.62 16.76
C THR A 42 -29.43 -21.28 16.82
N VAL A 43 -30.57 -21.27 17.49
CA VAL A 43 -31.56 -20.22 17.42
C VAL A 43 -32.12 -20.01 18.85
N PRO A 44 -32.61 -18.79 19.17
CA PRO A 44 -33.20 -18.58 20.49
C PRO A 44 -34.53 -19.30 20.65
N LYS A 45 -34.63 -20.09 21.73
CA LYS A 45 -35.90 -20.66 22.14
C LYS A 45 -36.41 -19.86 23.35
N PRO A 46 -37.71 -19.46 23.33
CA PRO A 46 -38.26 -18.77 24.49
C PRO A 46 -38.80 -19.72 25.56
N VAL A 47 -38.26 -19.62 26.77
CA VAL A 47 -38.70 -20.44 27.91
C VAL A 47 -39.91 -19.83 28.63
N ASN A 48 -41.04 -20.54 28.55
CA ASN A 48 -42.37 -20.04 28.94
C ASN A 48 -42.84 -18.80 28.17
N GLY A 49 -42.62 -18.82 26.85
CA GLY A 49 -43.00 -17.72 25.97
C GLY A 49 -42.00 -16.57 25.90
N LYS A 50 -41.14 -16.48 26.92
CA LYS A 50 -40.22 -15.34 27.10
C LYS A 50 -38.80 -15.73 26.72
N TYR A 51 -38.05 -14.78 26.16
CA TYR A 51 -36.65 -15.01 25.76
C TYR A 51 -35.66 -14.85 26.92
N ARG A 52 -34.62 -15.70 26.91
CA ARG A 52 -33.58 -15.71 27.94
C ARG A 52 -32.30 -15.12 27.34
N SER A 53 -31.40 -14.63 28.19
CA SER A 53 -30.15 -14.06 27.72
C SER A 53 -29.23 -15.09 27.06
N ASP A 54 -29.61 -16.37 27.12
CA ASP A 54 -28.87 -17.41 26.41
C ASP A 54 -29.04 -17.29 24.89
N MET A 55 -29.99 -16.47 24.48
CA MET A 55 -30.11 -16.06 23.07
C MET A 55 -28.82 -15.45 22.51
N TYR A 56 -27.95 -14.94 23.40
CA TYR A 56 -26.65 -14.35 22.99
C TYR A 56 -25.50 -15.36 22.88
N THR A 57 -25.79 -16.63 23.16
CA THR A 57 -24.90 -17.77 22.90
C THR A 57 -25.42 -18.49 21.64
N ILE A 58 -24.61 -18.42 20.58
CA ILE A 58 -24.94 -19.05 19.29
C ILE A 58 -23.91 -20.17 19.03
N LYS A 59 -24.39 -21.38 18.74
CA LYS A 59 -23.50 -22.43 18.24
C LYS A 59 -23.63 -22.54 16.72
N SER A 60 -22.51 -22.51 16.02
CA SER A 60 -22.57 -22.50 14.57
C SER A 60 -21.78 -23.69 14.01
N ARG A 61 -22.27 -24.21 12.89
CA ARG A 61 -21.56 -25.23 12.15
C ARG A 61 -21.24 -24.71 10.75
N TRP A 62 -20.00 -24.94 10.33
CA TRP A 62 -19.47 -24.43 9.06
C TRP A 62 -18.89 -25.60 8.27
N GLU A 63 -19.30 -25.72 7.00
CA GLU A 63 -18.66 -26.68 6.10
C GLU A 63 -17.25 -26.16 5.81
N ILE A 64 -16.25 -27.02 5.81
CA ILE A 64 -14.90 -26.55 5.55
C ILE A 64 -14.66 -26.55 4.05
N PRO A 65 -14.42 -25.37 3.45
CA PRO A 65 -14.31 -25.28 2.00
C PRO A 65 -13.37 -26.28 1.35
N HIS A 66 -12.16 -26.42 1.89
CA HIS A 66 -11.17 -27.30 1.24
C HIS A 66 -11.58 -28.75 1.36
N CYS A 67 -12.25 -29.10 2.44
CA CYS A 67 -12.79 -30.44 2.61
C CYS A 67 -14.00 -30.66 1.69
N LYS A 68 -14.91 -29.68 1.70
CA LYS A 68 -16.10 -29.65 0.83
C LYS A 68 -15.81 -29.81 -0.64
N ARG A 69 -14.68 -29.24 -1.09
CA ARG A 69 -14.27 -29.29 -2.48
C ARG A 69 -13.83 -30.68 -2.89
N GLU A 70 -13.31 -31.44 -1.92
CA GLU A 70 -12.81 -32.79 -2.20
C GLU A 70 -13.85 -33.87 -1.88
N GLY A 71 -15.11 -33.46 -1.76
CA GLY A 71 -16.23 -34.36 -1.49
C GLY A 71 -16.60 -34.64 -0.03
N LYS A 72 -15.86 -34.06 0.92
CA LYS A 72 -15.97 -34.42 2.36
C LYS A 72 -17.02 -33.63 3.18
N ASN A 73 -17.69 -34.38 4.07
CA ASN A 73 -18.61 -33.81 5.06
C ASN A 73 -17.89 -33.64 6.40
N THR A 74 -16.95 -32.70 6.38
CA THR A 74 -16.21 -32.32 7.57
C THR A 74 -16.52 -30.88 7.89
N TYR A 75 -16.56 -30.61 9.19
CA TYR A 75 -17.27 -29.48 9.74
C TYR A 75 -16.44 -28.86 10.83
N ALA A 76 -16.65 -27.56 11.01
CA ALA A 76 -15.98 -26.77 12.02
C ALA A 76 -17.07 -26.20 12.92
N TYR A 77 -16.89 -26.33 14.22
CA TYR A 77 -17.86 -25.83 15.21
C TYR A 77 -17.34 -24.58 15.95
N ILE A 78 -18.10 -23.50 15.83
CA ILE A 78 -17.69 -22.20 16.35
C ILE A 78 -18.86 -21.69 17.24
N GLU A 79 -18.56 -21.38 18.48
CA GLU A 79 -19.56 -20.78 19.37
C GLU A 79 -19.32 -19.29 19.55
N LEU A 80 -20.38 -18.50 19.40
CA LEU A 80 -20.31 -17.05 19.53
C LEU A 80 -20.94 -16.64 20.82
N GLN A 81 -20.37 -15.65 21.47
CA GLN A 81 -20.92 -15.16 22.73
C GLN A 81 -20.86 -13.62 22.79
N LEU A 82 -22.01 -12.99 22.88
CA LEU A 82 -22.06 -11.56 23.09
C LEU A 82 -21.95 -11.22 24.59
N TYR A 83 -21.08 -10.25 24.89
CA TYR A 83 -20.89 -9.70 26.22
C TYR A 83 -21.03 -8.18 26.21
N GLU A 84 -21.69 -7.63 27.24
CA GLU A 84 -21.60 -6.20 27.42
C GLU A 84 -20.31 -5.81 28.15
N VAL A 85 -19.54 -4.93 27.52
CA VAL A 85 -18.32 -4.42 28.12
C VAL A 85 -18.66 -3.25 29.02
N MET A 86 -19.50 -2.34 28.53
CA MET A 86 -20.07 -1.23 29.29
C MET A 86 -21.29 -0.71 28.53
N PRO A 87 -22.09 0.19 29.13
CA PRO A 87 -23.29 0.60 28.38
C PRO A 87 -22.94 1.01 26.92
N GLY A 88 -23.55 0.32 25.96
CA GLY A 88 -23.35 0.63 24.55
C GLY A 88 -22.25 -0.13 23.82
N CYS A 89 -21.38 -0.81 24.57
CA CYS A 89 -20.22 -1.47 23.98
C CYS A 89 -20.16 -2.95 24.32
N PHE A 90 -19.91 -3.74 23.28
CA PHE A 90 -20.03 -5.21 23.37
C PHE A 90 -18.82 -5.88 22.75
N MET A 91 -18.50 -7.08 23.24
CA MET A 91 -17.58 -7.96 22.54
C MET A 91 -18.34 -9.15 21.97
N LEU A 92 -18.06 -9.47 20.72
CA LEU A 92 -18.47 -10.76 20.21
C LEU A 92 -17.28 -11.72 20.40
N ASP A 93 -17.40 -12.60 21.38
CA ASP A 93 -16.40 -13.63 21.63
C ASP A 93 -16.68 -14.82 20.66
N VAL A 94 -15.60 -15.39 20.09
CA VAL A 94 -15.70 -16.39 19.03
C VAL A 94 -14.65 -17.44 19.34
N LYS A 95 -15.12 -18.68 19.55
CA LYS A 95 -14.24 -19.75 19.97
C LYS A 95 -14.40 -21.06 19.20
N SER A 96 -13.29 -21.76 19.05
CA SER A 96 -13.32 -23.03 18.34
C SER A 96 -13.79 -24.14 19.26
N ASN A 97 -14.79 -24.90 18.79
CA ASN A 97 -15.18 -26.16 19.42
C ASN A 97 -14.71 -27.38 18.63
N GLY A 98 -13.81 -27.19 17.67
CA GLY A 98 -13.25 -28.33 16.95
C GLY A 98 -13.74 -28.61 15.53
N TYR A 99 -13.20 -29.69 14.96
CA TYR A 99 -13.50 -30.16 13.62
C TYR A 99 -13.87 -31.61 13.68
N LYS A 100 -14.84 -31.99 12.85
CA LYS A 100 -15.37 -33.35 12.85
C LYS A 100 -15.78 -33.72 11.44
N ASP A 101 -15.24 -34.83 10.95
CA ASP A 101 -15.73 -35.47 9.73
C ASP A 101 -16.87 -36.42 10.09
N ILE A 102 -17.82 -36.58 9.18
CA ILE A 102 -18.94 -37.53 9.27
C ILE A 102 -18.46 -38.95 9.64
N TYR A 103 -17.24 -39.29 9.19
CA TYR A 103 -16.57 -40.58 9.42
C TYR A 103 -15.53 -40.49 10.56
N SER A 104 -15.50 -41.48 11.45
CA SER A 104 -14.49 -41.50 12.52
C SER A 104 -13.34 -42.47 12.20
N LYS A 118 -6.13 -29.16 19.26
CA LYS A 118 -5.31 -29.18 18.05
C LYS A 118 -5.33 -27.82 17.30
N SER A 119 -5.38 -27.83 15.97
CA SER A 119 -5.01 -26.67 15.14
C SER A 119 -5.95 -25.48 15.16
N SER A 120 -5.39 -24.27 15.01
CA SER A 120 -6.16 -23.01 14.90
C SER A 120 -6.72 -22.80 13.50
N PHE A 121 -6.31 -23.65 12.58
CA PHE A 121 -6.81 -23.65 11.21
C PHE A 121 -7.60 -24.94 10.93
N PRO A 122 -8.73 -24.85 10.19
CA PRO A 122 -9.31 -23.72 9.48
C PRO A 122 -10.08 -22.70 10.31
N PHE A 123 -10.09 -22.88 11.63
CA PHE A 123 -10.84 -22.01 12.50
C PHE A 123 -10.63 -20.53 12.19
N LEU A 124 -9.37 -20.09 12.21
CA LEU A 124 -9.04 -18.70 11.91
C LEU A 124 -9.35 -18.25 10.48
N ASP A 125 -9.35 -19.19 9.51
CA ASP A 125 -9.76 -18.85 8.12
C ASP A 125 -11.26 -18.66 8.06
N LEU A 126 -12.00 -19.38 8.89
CA LEU A 126 -13.44 -19.17 9.06
C LEU A 126 -13.84 -17.86 9.80
N CYS A 127 -13.06 -17.49 10.82
CA CYS A 127 -13.25 -16.24 11.54
C CYS A 127 -13.04 -15.03 10.64
N ALA A 128 -12.10 -15.12 9.71
CA ALA A 128 -11.85 -14.06 8.73
C ALA A 128 -13.04 -13.89 7.80
N MET A 129 -13.63 -15.00 7.37
CA MET A 129 -14.89 -15.04 6.63
C MET A 129 -16.04 -14.32 7.39
N LEU A 130 -16.26 -14.72 8.65
CA LEU A 130 -17.24 -14.06 9.50
C LEU A 130 -16.99 -12.55 9.56
N VAL A 131 -15.75 -12.18 9.86
CA VAL A 131 -15.39 -10.79 10.02
C VAL A 131 -15.68 -10.00 8.76
N CYS A 132 -15.38 -10.56 7.59
CA CYS A 132 -15.68 -9.88 6.33
C CYS A 132 -17.16 -9.67 6.07
N LYS A 133 -17.98 -10.62 6.53
CA LYS A 133 -19.43 -10.51 6.41
C LYS A 133 -19.94 -9.46 7.39
N LEU A 134 -19.47 -9.49 8.64
CA LEU A 134 -19.82 -8.44 9.59
C LEU A 134 -19.45 -7.04 9.09
N PHE A 135 -18.33 -6.93 8.38
CA PHE A 135 -17.84 -5.62 7.96
C PHE A 135 -18.43 -5.11 6.64
N SER A 136 -19.02 -6.00 5.85
CA SER A 136 -19.58 -5.60 4.57
C SER A 136 -21.09 -5.53 4.59
N ALA A 137 -21.71 -5.96 5.69
CA ALA A 137 -23.17 -6.01 5.82
C ALA A 137 -23.80 -4.85 5.08
N SER B 4 -26.22 -32.87 21.12
CA SER B 4 -26.14 -32.44 19.68
C SER B 4 -27.31 -31.58 19.25
N GLU B 5 -26.93 -30.50 18.56
CA GLU B 5 -27.71 -29.27 18.48
C GLU B 5 -28.67 -29.24 17.31
N GLN B 6 -29.60 -28.30 17.39
CA GLN B 6 -30.59 -28.06 16.35
C GLN B 6 -30.11 -26.90 15.45
N TYR B 7 -29.41 -27.25 14.37
CA TYR B 7 -28.81 -26.22 13.51
C TYR B 7 -29.82 -25.70 12.50
N SER B 8 -29.78 -24.39 12.28
CA SER B 8 -30.75 -23.72 11.43
C SER B 8 -30.08 -22.93 10.30
N THR B 9 -30.82 -22.70 9.23
CA THR B 9 -30.32 -21.96 8.07
C THR B 9 -30.92 -20.55 7.98
N GLU B 10 -32.08 -20.38 8.62
CA GLU B 10 -32.87 -19.15 8.54
C GLU B 10 -32.81 -18.26 9.80
N ILE B 11 -32.70 -16.95 9.57
CA ILE B 11 -32.65 -15.95 10.64
C ILE B 11 -33.94 -15.97 11.50
N PRO B 12 -33.81 -15.90 12.83
CA PRO B 12 -35.03 -15.86 13.65
C PRO B 12 -35.88 -14.65 13.31
N ALA B 13 -37.18 -14.85 13.27
CA ALA B 13 -38.13 -13.88 12.73
C ALA B 13 -38.47 -12.74 13.70
N PHE B 14 -38.40 -13.00 15.01
CA PHE B 14 -38.63 -11.96 15.99
C PHE B 14 -37.56 -10.86 15.93
N LEU B 15 -36.36 -11.19 15.41
CA LEU B 15 -35.28 -10.22 15.20
C LEU B 15 -35.42 -9.42 13.90
N THR B 16 -36.26 -9.92 12.99
CA THR B 16 -36.48 -9.30 11.67
C THR B 16 -37.68 -8.35 11.68
N SER B 17 -38.35 -8.24 12.84
CA SER B 17 -39.51 -7.35 13.02
C SER B 17 -39.12 -5.92 13.40
N ASN B 18 -39.87 -4.95 12.87
CA ASN B 18 -39.68 -3.51 13.13
C ASN B 18 -39.74 -3.13 14.62
N GLN B 21 -37.56 -4.85 18.27
CA GLN B 21 -37.08 -3.48 18.27
C GLN B 21 -37.87 -2.62 19.28
N GLU B 22 -39.19 -2.83 19.29
CA GLU B 22 -40.05 -2.32 20.35
C GLU B 22 -40.46 -3.51 21.23
N LEU B 23 -39.64 -4.56 21.19
CA LEU B 23 -39.85 -5.79 21.95
C LEU B 23 -38.98 -5.76 23.20
N LYS B 24 -39.48 -6.33 24.30
CA LYS B 24 -38.78 -6.27 25.59
C LYS B 24 -37.86 -7.46 25.79
N LEU B 25 -36.59 -7.29 25.42
CA LEU B 25 -35.63 -8.41 25.33
C LEU B 25 -34.58 -8.43 26.44
N PRO B 26 -34.02 -9.62 26.75
CA PRO B 26 -32.94 -9.75 27.73
C PRO B 26 -31.60 -9.20 27.26
N LYS B 27 -30.75 -8.87 28.23
CA LYS B 27 -29.38 -8.37 28.03
C LYS B 27 -28.32 -9.49 27.95
N PRO B 28 -27.24 -9.29 27.17
CA PRO B 28 -26.13 -10.26 27.23
C PRO B 28 -25.40 -10.22 28.56
N PRO B 29 -24.68 -11.30 28.91
CA PRO B 29 -23.84 -11.30 30.11
C PRO B 29 -22.72 -10.24 30.02
N SER B 30 -22.34 -9.66 31.15
CA SER B 30 -21.22 -8.74 31.17
C SER B 30 -19.89 -9.46 30.93
N LEU B 31 -18.90 -8.73 30.43
CA LEU B 31 -17.58 -9.27 30.08
C LEU B 31 -16.85 -9.80 31.32
N PRO B 32 -16.51 -11.12 31.34
CA PRO B 32 -15.69 -11.65 32.45
C PRO B 32 -14.27 -11.10 32.46
N PRO B 33 -13.67 -10.92 33.67
CA PRO B 33 -12.34 -10.35 33.83
C PRO B 33 -11.25 -11.02 33.00
N HIS B 34 -11.41 -12.32 32.73
CA HIS B 34 -10.38 -13.09 32.03
C HIS B 34 -10.27 -12.83 30.51
N LEU B 35 -11.29 -12.22 29.91
CA LEU B 35 -11.24 -11.82 28.48
C LEU B 35 -10.78 -10.38 28.24
N GLU B 36 -10.21 -9.78 29.27
CA GLU B 36 -9.73 -8.41 29.21
C GLU B 36 -8.26 -8.33 28.82
N LYS B 37 -7.49 -9.36 29.09
CA LYS B 37 -6.08 -9.29 28.75
C LYS B 37 -5.70 -10.38 27.75
N CYS B 38 -5.06 -9.96 26.67
CA CYS B 38 -4.57 -10.85 25.64
C CYS B 38 -3.04 -11.01 25.77
N ILE B 39 -2.55 -12.26 25.76
CA ILE B 39 -1.12 -12.53 26.01
C ILE B 39 -0.20 -12.06 24.90
N LEU B 40 -0.76 -11.69 23.75
CA LEU B 40 0.06 -11.20 22.64
C LEU B 40 0.62 -9.84 22.94
N ASN B 41 -0.06 -9.10 23.80
CA ASN B 41 0.39 -7.79 24.21
C ASN B 41 1.60 -7.83 25.14
N SER B 42 2.14 -9.02 25.29
CA SER B 42 3.31 -9.27 26.11
C SER B 42 4.54 -9.46 25.22
N ASN B 43 5.69 -8.97 25.71
CA ASN B 43 7.00 -9.20 25.07
C ASN B 43 8.08 -9.02 26.12
N THR B 44 7.86 -9.65 27.27
CA THR B 44 8.69 -9.42 28.45
C THR B 44 10.16 -9.72 28.16
N ALA B 45 10.39 -10.70 27.29
CA ALA B 45 11.72 -11.30 27.13
C ALA B 45 12.17 -11.25 25.67
N TYR B 46 12.29 -10.04 25.13
CA TYR B 46 12.46 -9.86 23.69
C TYR B 46 13.92 -9.61 23.34
N LYS B 47 14.76 -9.52 24.36
CA LYS B 47 16.21 -9.51 24.17
C LYS B 47 16.72 -10.89 23.78
N GLU B 48 16.27 -11.91 24.51
CA GLU B 48 16.71 -13.27 24.27
C GLU B 48 15.92 -13.92 23.14
N ASP B 49 14.57 -13.83 23.20
CA ASP B 49 13.69 -14.40 22.19
C ASP B 49 12.32 -13.74 22.23
N GLN B 50 12.09 -12.78 21.33
CA GLN B 50 10.82 -12.02 21.29
C GLN B 50 9.56 -12.86 20.98
N SER B 51 9.72 -14.06 20.48
CA SER B 51 8.57 -14.91 20.22
C SER B 51 7.97 -15.50 21.52
N VAL B 52 8.79 -15.55 22.58
CA VAL B 52 8.42 -16.12 23.89
C VAL B 52 7.24 -15.34 24.50
N LEU B 53 6.20 -16.08 24.83
CA LEU B 53 5.02 -15.53 25.49
C LEU B 53 4.89 -16.15 26.86
N PRO B 54 4.08 -15.54 27.75
CA PRO B 54 3.74 -16.28 28.97
C PRO B 54 2.79 -17.44 28.63
N ASN B 55 2.70 -18.40 29.55
CA ASN B 55 1.73 -19.48 29.44
C ASN B 55 0.32 -18.93 29.44
N PRO B 56 -0.52 -19.46 28.55
CA PRO B 56 -1.84 -18.86 28.45
C PRO B 56 -2.81 -19.42 29.49
N ASN B 57 -3.88 -18.69 29.73
CA ASN B 57 -5.01 -19.21 30.48
C ASN B 57 -5.64 -20.32 29.62
N HIS B 58 -5.61 -21.55 30.16
CA HIS B 58 -6.18 -22.71 29.49
C HIS B 58 -7.64 -22.52 29.08
N VAL B 59 -8.38 -21.66 29.78
CA VAL B 59 -9.75 -21.38 29.33
C VAL B 59 -9.84 -20.49 28.07
N LEU B 60 -8.73 -19.84 27.67
CA LEU B 60 -8.75 -18.92 26.52
C LEU B 60 -8.11 -19.51 25.27
N LEU B 61 -7.90 -20.81 25.30
CA LEU B 61 -7.49 -21.58 24.14
C LEU B 61 -8.53 -21.53 22.99
N ASN B 62 -8.02 -21.29 21.79
CA ASN B 62 -8.83 -21.13 20.57
C ASN B 62 -10.03 -20.21 20.68
N HIS B 63 -9.84 -19.11 21.42
CA HIS B 63 -10.66 -17.92 21.32
C HIS B 63 -10.00 -16.97 20.34
N LEU B 64 -10.80 -16.43 19.42
CA LEU B 64 -10.30 -15.47 18.48
C LEU B 64 -9.84 -14.16 19.18
N ALA B 65 -8.63 -13.70 18.88
CA ALA B 65 -8.24 -12.32 19.18
C ALA B 65 -8.01 -11.50 17.87
N ALA B 66 -7.99 -10.19 17.96
CA ALA B 66 -8.02 -9.31 16.77
C ALA B 66 -7.22 -8.07 17.14
N ALA B 67 -6.62 -7.43 16.13
CA ALA B 67 -5.89 -6.15 16.32
C ALA B 67 -6.20 -5.23 15.13
N ASN B 68 -6.26 -3.91 15.37
CA ASN B 68 -6.31 -2.97 14.26
C ASN B 68 -4.94 -2.95 13.58
N THR B 69 -4.91 -2.90 12.26
CA THR B 69 -3.67 -2.56 11.57
C THR B 69 -3.94 -1.27 10.84
N GLN B 70 -2.87 -0.59 10.46
CA GLN B 70 -2.96 0.61 9.66
C GLN B 70 -2.59 0.28 8.21
N LEU B 71 -2.73 -1.00 7.85
CA LEU B 71 -2.17 -1.53 6.60
C LEU B 71 -3.19 -2.06 5.59
N GLY B 72 -4.46 -2.02 5.94
CA GLY B 72 -5.52 -2.44 5.05
C GLY B 72 -5.68 -3.94 5.07
N VAL B 73 -5.26 -4.58 6.15
CA VAL B 73 -5.37 -6.02 6.32
C VAL B 73 -5.95 -6.40 7.69
N LEU B 74 -6.34 -7.67 7.81
CA LEU B 74 -6.84 -8.28 9.03
C LEU B 74 -5.70 -8.93 9.80
N ALA B 75 -5.70 -8.70 11.11
CA ALA B 75 -4.83 -9.39 12.02
C ALA B 75 -5.71 -10.21 12.99
N LEU B 76 -5.51 -11.53 12.98
CA LEU B 76 -6.32 -12.50 13.72
C LEU B 76 -5.38 -13.48 14.41
N SER B 77 -5.73 -13.92 15.62
CA SER B 77 -4.92 -14.91 16.33
C SER B 77 -5.71 -15.84 17.19
N ALA B 78 -5.14 -17.00 17.47
CA ALA B 78 -5.69 -17.87 18.48
C ALA B 78 -4.54 -18.68 19.09
N THR B 79 -4.73 -19.13 20.32
CA THR B 79 -3.71 -19.90 21.04
C THR B 79 -4.18 -21.31 21.09
N THR B 80 -3.29 -22.24 20.82
CA THR B 80 -3.65 -23.64 20.92
C THR B 80 -2.49 -24.43 21.52
N ARG B 81 -2.79 -25.58 22.09
CA ARG B 81 -1.80 -26.51 22.63
C ARG B 81 -1.29 -27.42 21.53
N TYR B 82 0.04 -27.52 21.40
CA TYR B 82 0.68 -28.48 20.53
C TYR B 82 1.50 -29.39 21.44
N HIS B 83 0.97 -30.60 21.68
CA HIS B 83 1.47 -31.52 22.70
C HIS B 83 1.53 -30.70 23.99
N ARG B 84 2.68 -30.56 24.63
CA ARG B 84 2.71 -29.75 25.85
C ARG B 84 3.17 -28.31 25.75
N LYS B 85 3.31 -27.83 24.53
CA LYS B 85 3.67 -26.43 24.32
C LYS B 85 2.50 -25.66 23.71
N TYR B 86 2.56 -24.34 23.70
CA TYR B 86 1.46 -23.53 23.18
C TYR B 86 1.93 -22.68 22.02
N VAL B 87 1.16 -22.63 20.93
CA VAL B 87 1.45 -21.78 19.78
C VAL B 87 0.35 -20.68 19.64
N THR B 88 0.75 -19.42 19.72
CA THR B 88 -0.19 -18.35 19.38
C THR B 88 0.12 -17.91 17.99
N THR B 89 -0.73 -18.33 17.04
CA THR B 89 -0.52 -17.88 15.69
C THR B 89 -1.26 -16.61 15.38
N ALA B 90 -0.48 -15.62 14.97
CA ALA B 90 -0.96 -14.30 14.51
C ALA B 90 -0.92 -14.27 12.98
N MET B 91 -2.09 -14.15 12.40
CA MET B 91 -2.24 -14.23 10.99
C MET B 91 -2.64 -12.88 10.36
N PHE B 92 -1.96 -12.53 9.26
CA PHE B 92 -2.24 -11.31 8.53
C PHE B 92 -2.81 -11.69 7.19
N LYS B 93 -3.94 -11.09 6.85
CA LYS B 93 -4.79 -11.61 5.80
C LYS B 93 -5.56 -10.46 5.17
N ASN B 94 -5.75 -10.49 3.85
CA ASN B 94 -6.53 -9.47 3.16
C ASN B 94 -8.02 -9.57 3.49
N PHE B 95 -8.76 -8.49 3.27
CA PHE B 95 -10.23 -8.55 3.25
C PHE B 95 -10.79 -9.19 1.96
N ASP B 96 -10.29 -8.75 0.81
CA ASP B 96 -11.13 -8.59 -0.44
C ASP B 96 -12.66 -8.72 -0.21
N ALA C 1 39.63 -39.98 24.37
CA ALA C 1 39.43 -38.67 24.97
C ALA C 1 40.71 -38.12 25.55
N MET C 2 41.84 -38.32 24.84
CA MET C 2 43.13 -38.30 25.52
C MET C 2 43.79 -36.93 25.39
N ASP C 3 44.28 -36.58 24.21
CA ASP C 3 44.80 -35.22 24.02
C ASP C 3 43.65 -34.30 23.54
N VAL C 4 43.99 -33.15 22.96
CA VAL C 4 43.02 -32.12 22.56
C VAL C 4 42.10 -32.57 21.42
N GLN C 5 42.71 -33.02 20.32
CA GLN C 5 42.03 -33.52 19.13
C GLN C 5 41.21 -34.78 19.46
N GLU C 6 41.72 -35.62 20.37
CA GLU C 6 41.02 -36.85 20.81
C GLU C 6 39.88 -36.58 21.77
N THR C 7 40.06 -35.61 22.67
CA THR C 7 38.93 -35.07 23.47
C THR C 7 37.86 -34.34 22.63
N GLN C 8 38.25 -33.62 21.59
CA GLN C 8 37.31 -32.94 20.67
C GLN C 8 36.50 -33.93 19.84
N LYS C 9 37.18 -34.96 19.33
CA LYS C 9 36.57 -35.98 18.47
C LYS C 9 35.41 -36.62 19.22
N GLY C 10 35.74 -37.26 20.36
CA GLY C 10 34.77 -37.70 21.38
C GLY C 10 33.61 -36.73 21.65
N ALA C 11 33.93 -35.45 21.87
CA ALA C 11 32.90 -34.45 22.22
C ALA C 11 31.92 -34.19 21.06
N LEU C 12 32.44 -34.14 19.84
CA LEU C 12 31.63 -34.05 18.64
C LEU C 12 30.64 -35.20 18.42
N LYS C 13 31.02 -36.43 18.75
CA LYS C 13 30.11 -37.59 18.73
C LYS C 13 28.97 -37.48 19.75
N GLU C 14 29.28 -36.98 20.93
CA GLU C 14 28.28 -36.76 21.98
C GLU C 14 27.27 -35.73 21.54
N ILE C 15 27.75 -34.73 20.81
CA ILE C 15 26.94 -33.64 20.32
C ILE C 15 26.02 -34.11 19.19
N GLN C 16 26.50 -35.01 18.32
CA GLN C 16 25.58 -35.49 17.28
C GLN C 16 24.51 -36.41 17.79
N ALA C 17 24.89 -37.24 18.77
CA ALA C 17 23.99 -38.20 19.37
C ALA C 17 22.91 -37.46 20.10
N PHE C 18 23.28 -36.31 20.66
CA PHE C 18 22.34 -35.44 21.31
C PHE C 18 21.40 -34.79 20.29
N ILE C 19 21.92 -34.22 19.22
CA ILE C 19 21.03 -33.72 18.18
C ILE C 19 20.03 -34.83 17.75
N ARG C 20 20.53 -36.03 17.42
CA ARG C 20 19.64 -37.14 17.05
C ARG C 20 18.57 -37.51 18.11
N SER C 21 18.93 -37.43 19.39
CA SER C 21 18.01 -37.84 20.46
C SER C 21 16.92 -36.83 20.76
N ARG C 22 17.10 -35.58 20.34
CA ARG C 22 16.06 -34.58 20.52
C ARG C 22 15.21 -34.47 19.27
N THR C 23 13.98 -33.99 19.43
CA THR C 23 13.13 -33.62 18.29
C THR C 23 13.25 -32.12 17.99
N SER C 24 12.76 -31.68 16.85
CA SER C 24 12.69 -30.23 16.60
C SER C 24 11.76 -29.50 17.57
N TYR C 25 10.68 -30.15 17.94
CA TYR C 25 9.81 -29.68 18.98
C TYR C 25 10.53 -29.33 20.27
N ASP C 26 11.57 -30.09 20.64
CA ASP C 26 12.27 -29.86 21.91
C ASP C 26 12.90 -28.45 22.00
N VAL C 27 13.11 -27.84 20.84
CA VAL C 27 13.83 -26.57 20.75
C VAL C 27 12.90 -25.41 21.11
N LEU C 28 11.59 -25.62 21.00
CA LEU C 28 10.61 -24.52 21.14
C LEU C 28 10.40 -24.02 22.60
N PRO C 29 10.09 -22.70 22.77
CA PRO C 29 9.66 -22.23 24.10
C PRO C 29 8.35 -22.92 24.50
N THR C 30 8.00 -22.96 25.78
CA THR C 30 6.75 -23.62 26.21
C THR C 30 5.56 -22.88 25.62
N SER C 31 5.71 -21.58 25.44
CA SER C 31 4.64 -20.75 24.89
C SER C 31 5.26 -19.67 23.98
N PHE C 32 4.83 -19.63 22.72
CA PHE C 32 5.40 -18.65 21.76
C PHE C 32 4.40 -18.12 20.71
N ARG C 33 4.76 -17.06 20.02
CA ARG C 33 3.95 -16.56 18.92
C ARG C 33 4.53 -16.96 17.58
N LEU C 34 3.65 -17.25 16.63
CA LEU C 34 4.07 -17.47 15.26
C LEU C 34 3.27 -16.52 14.35
N ILE C 35 4.01 -15.74 13.58
CA ILE C 35 3.44 -14.74 12.67
C ILE C 35 3.47 -15.34 11.30
N VAL C 36 2.28 -15.43 10.73
CA VAL C 36 1.98 -16.09 9.47
C VAL C 36 1.32 -15.04 8.56
N PHE C 37 1.70 -15.04 7.27
CA PHE C 37 1.13 -14.15 6.23
C PHE C 37 0.33 -14.97 5.19
N ASP C 38 -0.83 -14.48 4.76
CA ASP C 38 -1.52 -14.98 3.58
C ASP C 38 -0.65 -14.80 2.31
N VAL C 39 -0.57 -15.83 1.46
CA VAL C 39 0.19 -15.70 0.20
C VAL C 39 -0.35 -14.64 -0.75
N THR C 40 -1.58 -14.23 -0.55
CA THR C 40 -2.12 -13.23 -1.47
C THR C 40 -1.86 -11.80 -0.99
N LEU C 41 -1.09 -11.65 0.08
CA LEU C 41 -0.69 -10.30 0.56
C LEU C 41 0.18 -9.61 -0.47
N PHE C 42 -0.03 -8.32 -0.61
CA PHE C 42 0.82 -7.51 -1.46
C PHE C 42 2.24 -7.47 -0.88
N VAL C 43 3.23 -7.32 -1.76
CA VAL C 43 4.65 -7.34 -1.37
C VAL C 43 5.00 -6.20 -0.39
N LYS C 44 4.59 -4.99 -0.74
CA LYS C 44 4.72 -3.81 0.11
C LYS C 44 4.15 -4.00 1.52
N THR C 45 2.97 -4.60 1.60
CA THR C 45 2.29 -4.80 2.89
C THR C 45 3.09 -5.79 3.73
N SER C 46 3.68 -6.76 3.06
CA SER C 46 4.35 -7.83 3.74
C SER C 46 5.68 -7.33 4.31
N LEU C 47 6.40 -6.52 3.55
CA LEU C 47 7.60 -5.82 4.05
C LEU C 47 7.28 -4.94 5.24
N SER C 48 6.22 -4.14 5.13
CA SER C 48 5.68 -3.36 6.26
C SER C 48 5.34 -4.17 7.50
N LEU C 49 4.70 -5.33 7.35
CA LEU C 49 4.42 -6.22 8.50
C LEU C 49 5.70 -6.84 9.10
N LEU C 50 6.69 -7.08 8.26
CA LEU C 50 7.98 -7.58 8.74
C LEU C 50 8.69 -6.54 9.59
N THR C 51 8.81 -5.31 9.11
CA THR C 51 9.43 -4.23 9.89
C THR C 51 8.75 -3.91 11.23
N LEU C 52 7.43 -3.76 11.19
CA LEU C 52 6.64 -3.43 12.36
C LEU C 52 6.62 -4.55 13.42
N ASN C 53 6.99 -5.78 13.02
CA ASN C 53 7.06 -6.90 13.95
C ASN C 53 8.47 -7.28 14.30
N ASN C 54 9.42 -6.57 13.70
CA ASN C 54 10.84 -6.73 13.96
C ASN C 54 11.28 -8.13 13.59
N ILE C 55 10.75 -8.62 12.47
CA ILE C 55 11.13 -9.95 11.95
C ILE C 55 11.69 -9.80 10.55
N VAL C 56 12.29 -10.85 10.01
CA VAL C 56 12.86 -10.72 8.66
C VAL C 56 12.25 -11.79 7.76
N SER C 57 11.26 -12.50 8.30
CA SER C 57 10.84 -13.73 7.68
C SER C 57 9.52 -14.19 8.24
N ALA C 58 8.73 -14.85 7.40
CA ALA C 58 7.41 -15.33 7.82
C ALA C 58 6.95 -16.48 6.93
N PRO C 59 6.29 -17.51 7.51
CA PRO C 59 5.62 -18.57 6.75
C PRO C 59 4.41 -18.06 6.01
N LEU C 60 4.15 -18.65 4.87
CA LEU C 60 3.02 -18.24 4.06
C LEU C 60 1.87 -19.25 4.14
N TRP C 61 0.65 -18.72 4.03
CA TRP C 61 -0.53 -19.53 4.19
C TRP C 61 -1.44 -19.36 2.99
N ASP C 62 -1.68 -20.47 2.30
CA ASP C 62 -2.74 -20.58 1.29
C ASP C 62 -4.00 -21.08 2.02
N SER C 63 -4.94 -20.16 2.22
CA SER C 63 -5.96 -20.38 3.21
C SER C 63 -7.15 -21.16 2.61
N GLU C 64 -7.36 -20.96 1.31
CA GLU C 64 -8.24 -21.73 0.45
C GLU C 64 -7.92 -23.22 0.60
N ALA C 65 -6.67 -23.58 0.34
CA ALA C 65 -6.22 -24.97 0.40
C ALA C 65 -6.06 -25.52 1.82
N ASN C 66 -5.87 -24.60 2.78
CA ASN C 66 -5.31 -24.88 4.12
C ASN C 66 -3.97 -25.58 4.07
N LYS C 67 -3.07 -24.94 3.34
CA LYS C 67 -1.74 -25.46 3.10
C LYS C 67 -0.71 -24.38 3.29
N PHE C 68 0.41 -24.80 3.89
CA PHE C 68 1.66 -24.09 3.87
C PHE C 68 2.09 -23.73 2.42
N ALA C 69 2.38 -22.45 2.18
CA ALA C 69 2.61 -22.02 0.83
C ALA C 69 4.01 -21.44 0.64
N GLY C 70 4.92 -21.77 1.55
CA GLY C 70 6.29 -21.32 1.42
C GLY C 70 6.76 -20.40 2.53
N LEU C 71 8.02 -20.04 2.46
CA LEU C 71 8.65 -19.29 3.49
C LEU C 71 9.05 -17.98 2.83
N LEU C 72 8.57 -16.84 3.33
CA LEU C 72 9.07 -15.56 2.83
C LEU C 72 10.33 -15.20 3.62
N THR C 73 11.48 -15.11 2.93
CA THR C 73 12.74 -14.59 3.53
C THR C 73 13.32 -13.46 2.69
N MET C 74 14.39 -12.81 3.16
CA MET C 74 15.02 -11.77 2.34
C MET C 74 15.64 -12.27 1.01
N ALA C 75 15.85 -13.59 0.91
CA ALA C 75 16.38 -14.23 -0.28
C ALA C 75 15.43 -14.06 -1.49
N ASP C 76 14.13 -13.97 -1.18
CA ASP C 76 13.12 -13.72 -2.18
C ASP C 76 13.41 -12.41 -2.91
N PHE C 77 13.63 -11.33 -2.16
CA PHE C 77 13.94 -10.02 -2.73
C PHE C 77 15.33 -9.99 -3.36
N VAL C 78 16.34 -10.48 -2.64
CA VAL C 78 17.68 -10.59 -3.16
C VAL C 78 17.72 -11.28 -4.54
N ASN C 79 16.97 -12.38 -4.70
CA ASN C 79 16.95 -13.11 -5.98
C ASN C 79 16.25 -12.39 -7.14
N VAL C 80 15.08 -11.83 -6.88
CA VAL C 80 14.40 -11.10 -7.93
C VAL C 80 15.21 -9.84 -8.30
N ILE C 81 15.73 -9.11 -7.31
CA ILE C 81 16.55 -7.90 -7.55
C ILE C 81 17.73 -8.23 -8.46
N LYS C 82 18.39 -9.34 -8.14
CA LYS C 82 19.58 -9.78 -8.86
C LYS C 82 19.22 -10.16 -10.30
N TYR C 83 18.05 -10.77 -10.46
CA TYR C 83 17.56 -11.19 -11.78
C TYR C 83 17.28 -9.98 -12.69
N TYR C 84 16.58 -9.00 -12.13
CA TYR C 84 16.27 -7.77 -12.82
C TYR C 84 17.52 -6.98 -13.19
N TYR C 85 18.51 -6.92 -12.29
CA TYR C 85 19.77 -6.22 -12.56
C TYR C 85 20.64 -6.88 -13.64
N GLN C 86 20.58 -8.21 -13.73
CA GLN C 86 21.33 -8.99 -14.73
C GLN C 86 20.67 -9.02 -16.10
N SER C 87 19.35 -9.11 -16.09
CA SER C 87 18.58 -9.33 -17.32
C SER C 87 17.87 -8.10 -17.90
N SER C 88 17.54 -7.12 -17.06
CA SER C 88 16.80 -5.97 -17.56
C SER C 88 17.69 -4.89 -18.17
N SER C 89 17.30 -4.47 -19.38
CA SER C 89 17.85 -3.27 -19.98
C SER C 89 17.22 -1.97 -19.42
N PHE C 90 16.29 -2.09 -18.48
CA PHE C 90 15.55 -0.94 -17.93
C PHE C 90 15.72 -0.92 -16.42
N PRO C 91 16.39 0.11 -15.89
CA PRO C 91 16.76 0.18 -14.46
C PRO C 91 15.55 0.37 -13.54
N GLU C 92 14.51 1.06 -14.01
CA GLU C 92 13.26 1.27 -13.24
C GLU C 92 12.28 0.06 -13.18
N ALA C 93 12.62 -1.06 -13.85
CA ALA C 93 11.71 -2.21 -14.03
C ALA C 93 11.45 -2.93 -12.75
N ILE C 94 12.47 -2.91 -11.90
CA ILE C 94 12.48 -3.41 -10.53
C ILE C 94 11.31 -2.89 -9.64
N ALA C 95 10.91 -1.63 -9.85
CA ALA C 95 9.78 -0.99 -9.16
C ALA C 95 8.46 -1.78 -9.32
N GLU C 96 8.36 -2.44 -10.47
CA GLU C 96 7.26 -3.28 -10.84
C GLU C 96 7.00 -4.41 -9.82
N ILE C 97 7.99 -4.79 -9.03
CA ILE C 97 7.70 -5.85 -8.05
C ILE C 97 6.78 -5.41 -6.91
N ASP C 98 6.39 -4.16 -6.92
CA ASP C 98 5.43 -3.65 -5.93
C ASP C 98 3.99 -3.87 -6.36
N LYS C 99 3.80 -4.14 -7.65
CA LYS C 99 2.46 -4.55 -8.13
C LYS C 99 2.12 -5.97 -7.61
N PHE C 100 3.11 -6.70 -7.07
CA PHE C 100 2.95 -8.15 -6.88
C PHE C 100 2.33 -8.52 -5.57
N ARG C 101 1.47 -9.53 -5.60
CA ARG C 101 1.14 -10.28 -4.38
C ARG C 101 2.24 -11.32 -4.18
N LEU C 102 2.36 -11.85 -2.96
CA LEU C 102 3.41 -12.78 -2.61
C LEU C 102 3.38 -14.00 -3.51
N LEU C 103 2.17 -14.40 -3.88
CA LEU C 103 1.91 -15.47 -4.84
C LEU C 103 2.55 -15.19 -6.19
N GLY C 104 2.38 -13.97 -6.68
CA GLY C 104 2.99 -13.52 -7.92
C GLY C 104 4.49 -13.32 -7.89
N LEU C 105 5.04 -12.91 -6.76
CA LEU C 105 6.49 -12.85 -6.59
C LEU C 105 7.11 -14.26 -6.62
N ARG C 106 6.52 -15.20 -5.86
CA ARG C 106 6.94 -16.59 -5.90
C ARG C 106 6.86 -17.21 -7.30
N GLU C 107 5.83 -16.85 -8.08
CA GLU C 107 5.76 -17.39 -9.44
CA GLU C 107 5.66 -17.28 -9.48
C GLU C 107 6.86 -16.86 -10.35
N VAL C 108 7.27 -15.61 -10.20
CA VAL C 108 8.45 -15.07 -10.89
C VAL C 108 9.72 -15.86 -10.50
N GLU C 109 9.84 -16.21 -9.23
CA GLU C 109 10.97 -16.97 -8.74
C GLU C 109 11.01 -18.42 -9.19
N ARG C 110 9.85 -19.09 -9.24
CA ARG C 110 9.75 -20.41 -9.88
C ARG C 110 10.26 -20.34 -11.32
N LYS C 111 9.77 -19.35 -12.06
CA LYS C 111 10.09 -19.14 -13.47
C LYS C 111 11.59 -18.98 -13.76
N ILE C 112 12.30 -18.29 -12.87
CA ILE C 112 13.73 -18.02 -13.06
C ILE C 112 14.63 -19.12 -12.48
N GLY C 113 14.04 -20.03 -11.71
CA GLY C 113 14.77 -21.15 -11.14
C GLY C 113 15.26 -20.89 -9.73
N ALA C 114 14.79 -19.78 -9.15
CA ALA C 114 15.21 -19.35 -7.82
C ALA C 114 14.46 -20.10 -6.69
N ILE C 115 13.42 -20.83 -7.06
CA ILE C 115 12.70 -21.71 -6.14
C ILE C 115 12.80 -23.19 -6.60
N PRO C 116 13.19 -24.11 -5.69
CA PRO C 116 13.19 -25.55 -5.99
C PRO C 116 11.76 -26.11 -6.22
N PRO C 117 11.66 -27.28 -6.90
CA PRO C 117 10.35 -27.99 -7.00
C PRO C 117 9.91 -28.51 -5.63
N GLU C 118 10.74 -29.35 -4.99
CA GLU C 118 10.48 -29.85 -3.65
C GLU C 118 10.77 -28.77 -2.63
N THR C 119 9.69 -28.29 -2.01
CA THR C 119 9.74 -27.31 -0.93
C THR C 119 9.95 -27.98 0.45
N ILE C 120 10.74 -27.34 1.31
CA ILE C 120 11.46 -28.02 2.41
C ILE C 120 10.78 -27.83 3.79
N TYR C 121 10.53 -28.92 4.51
CA TYR C 121 9.80 -28.89 5.81
C TYR C 121 10.13 -30.16 6.58
N VAL C 122 10.02 -30.13 7.90
CA VAL C 122 10.12 -31.38 8.65
C VAL C 122 8.96 -31.51 9.62
N HIS C 123 8.74 -32.70 10.11
CA HIS C 123 7.76 -32.90 11.14
C HIS C 123 8.36 -32.46 12.50
N PRO C 124 7.61 -31.67 13.29
CA PRO C 124 8.08 -31.20 14.62
C PRO C 124 8.50 -32.31 15.58
N MET C 125 7.80 -33.45 15.56
CA MET C 125 8.11 -34.60 16.43
C MET C 125 9.16 -35.53 15.83
N HIS C 126 9.69 -35.23 14.66
CA HIS C 126 10.82 -36.02 14.19
C HIS C 126 12.14 -35.46 14.74
N SER C 127 13.18 -36.25 14.61
CA SER C 127 14.47 -35.95 15.19
C SER C 127 14.94 -34.59 14.71
N LEU C 128 15.67 -33.88 15.58
CA LEU C 128 16.29 -32.62 15.24
C LEU C 128 17.32 -32.80 14.13
N MET C 129 17.95 -33.97 14.07
CA MET C 129 18.86 -34.29 13.01
C MET C 129 18.19 -34.14 11.64
N ASP C 130 16.90 -34.43 11.54
CA ASP C 130 16.19 -34.24 10.26
C ASP C 130 16.22 -32.78 9.80
N ALA C 131 16.01 -31.89 10.76
CA ALA C 131 16.01 -30.48 10.49
C ALA C 131 17.41 -30.02 10.01
N CYS C 132 18.46 -30.47 10.68
CA CYS C 132 19.83 -30.13 10.31
C CYS C 132 20.14 -30.63 8.89
N LEU C 133 19.81 -31.88 8.61
CA LEU C 133 20.15 -32.52 7.33
C LEU C 133 19.44 -31.88 6.16
N ALA C 134 18.16 -31.54 6.31
CA ALA C 134 17.42 -30.78 5.28
C ALA C 134 18.03 -29.42 4.98
N MET C 135 18.20 -28.58 6.01
CA MET C 135 18.99 -27.34 5.90
C MET C 135 20.40 -27.50 5.30
N SER C 136 21.08 -28.56 5.66
CA SER C 136 22.37 -28.86 5.07
C SER C 136 22.29 -29.21 3.56
N LYS C 137 21.33 -30.07 3.19
CA LYS C 137 21.01 -30.46 1.79
C LYS C 137 20.60 -29.22 0.97
N SER C 138 19.45 -28.63 1.26
CA SER C 138 19.11 -27.34 0.64
C SER C 138 20.14 -26.44 1.26
N ARG C 139 20.38 -25.22 0.83
CA ARG C 139 21.24 -24.45 1.74
C ARG C 139 20.42 -23.45 2.60
N ALA C 140 19.23 -23.89 3.00
CA ALA C 140 18.29 -23.07 3.76
C ALA C 140 18.83 -22.88 5.16
N ARG C 141 18.64 -21.68 5.70
CA ARG C 141 19.17 -21.28 6.99
C ARG C 141 18.08 -21.19 8.04
N ARG C 142 16.85 -21.45 7.60
CA ARG C 142 15.68 -21.66 8.48
C ARG C 142 14.80 -22.73 7.82
N ILE C 143 14.02 -23.43 8.63
CA ILE C 143 13.16 -24.51 8.12
C ILE C 143 11.87 -24.57 8.93
N PRO C 144 10.71 -24.67 8.23
CA PRO C 144 9.43 -24.78 8.90
C PRO C 144 9.19 -26.17 9.48
N LEU C 145 8.52 -26.21 10.61
CA LEU C 145 8.12 -27.42 11.27
C LEU C 145 6.62 -27.54 11.06
N ILE C 146 6.20 -28.56 10.29
CA ILE C 146 4.83 -28.73 9.84
C ILE C 146 4.27 -30.08 10.22
N ASP C 147 3.10 -30.08 10.85
CA ASP C 147 2.31 -31.26 11.13
C ASP C 147 1.00 -31.15 10.31
N VAL C 148 0.21 -32.21 10.32
CA VAL C 148 -1.04 -32.26 9.57
C VAL C 148 -2.16 -32.69 10.51
N ASP C 149 -3.29 -32.00 10.41
CA ASP C 149 -4.48 -32.34 11.16
C ASP C 149 -5.19 -33.41 10.37
N GLY C 150 -5.16 -34.63 10.88
CA GLY C 150 -5.74 -35.78 10.23
C GLY C 150 -7.24 -35.72 10.10
N GLU C 151 -7.90 -34.95 10.97
CA GLU C 151 -9.38 -34.80 10.89
C GLU C 151 -9.81 -33.91 9.70
N THR C 152 -8.96 -32.96 9.33
CA THR C 152 -9.32 -32.02 8.28
C THR C 152 -8.34 -32.02 7.09
N GLY C 153 -7.22 -32.72 7.21
CA GLY C 153 -6.14 -32.65 6.19
C GLY C 153 -5.36 -31.34 6.17
N SER C 154 -5.72 -30.45 7.08
CA SER C 154 -5.15 -29.12 7.18
C SER C 154 -3.71 -29.19 7.72
N GLU C 155 -2.81 -28.45 7.10
CA GLU C 155 -1.42 -28.45 7.56
C GLU C 155 -1.30 -27.47 8.71
N MET C 156 -0.56 -27.88 9.73
CA MET C 156 -0.33 -27.08 10.92
C MET C 156 1.13 -26.64 10.93
N ILE C 157 1.36 -25.34 10.77
CA ILE C 157 2.68 -24.79 10.88
C ILE C 157 2.91 -24.62 12.36
N VAL C 158 3.91 -25.31 12.88
CA VAL C 158 4.14 -25.25 14.31
C VAL C 158 5.06 -24.08 14.63
N SER C 159 6.19 -24.04 13.93
CA SER C 159 7.17 -23.00 14.08
C SER C 159 8.08 -23.01 12.85
N VAL C 160 9.16 -22.22 12.91
CA VAL C 160 10.17 -22.19 11.87
C VAL C 160 11.48 -22.20 12.62
N LEU C 161 12.29 -23.25 12.44
CA LEU C 161 13.55 -23.37 13.12
C LEU C 161 14.74 -22.75 12.33
N THR C 162 15.60 -22.08 13.08
CA THR C 162 16.71 -21.33 12.54
C THR C 162 18.05 -22.06 12.94
N GLN C 163 19.07 -21.97 12.09
CA GLN C 163 20.39 -22.46 12.48
C GLN C 163 20.88 -21.89 13.81
N TYR C 164 20.59 -20.62 14.07
CA TYR C 164 21.01 -19.95 15.30
C TYR C 164 20.32 -20.54 16.52
N ARG C 165 19.02 -20.78 16.42
CA ARG C 165 18.29 -21.32 17.57
C ARG C 165 18.67 -22.81 17.84
N ILE C 166 19.13 -23.50 16.82
CA ILE C 166 19.58 -24.86 17.00
C ILE C 166 20.94 -24.86 17.71
N LEU C 167 21.87 -24.05 17.23
CA LEU C 167 23.16 -23.90 17.87
C LEU C 167 23.04 -23.34 19.28
N LYS C 168 22.10 -22.42 19.50
CA LYS C 168 21.87 -21.90 20.83
C LYS C 168 21.42 -22.96 21.82
N PHE C 169 20.52 -23.81 21.34
CA PHE C 169 19.88 -24.91 22.05
C PHE C 169 20.89 -25.96 22.48
N ILE C 170 21.84 -26.20 21.59
CA ILE C 170 22.96 -27.07 21.84
C ILE C 170 23.92 -26.48 22.85
N SER C 171 24.10 -25.17 22.82
CA SER C 171 25.09 -24.52 23.68
C SER C 171 24.59 -24.56 25.09
N MET C 172 23.28 -24.46 25.21
CA MET C 172 22.61 -24.38 26.48
C MET C 172 22.49 -25.74 27.16
N ASN C 173 22.51 -26.80 26.38
CA ASN C 173 22.11 -28.11 26.83
C ASN C 173 23.28 -29.08 26.81
N CYS C 174 24.10 -29.07 25.76
CA CYS C 174 25.30 -29.95 25.73
C CYS C 174 26.51 -29.38 26.40
N LYS C 175 26.86 -30.01 27.53
CA LYS C 175 28.04 -29.72 28.35
C LYS C 175 29.31 -29.94 27.54
N GLU C 176 29.23 -30.83 26.56
CA GLU C 176 30.37 -31.19 25.73
C GLU C 176 30.97 -30.04 24.90
N THR C 177 30.24 -28.95 24.71
CA THR C 177 30.80 -27.79 23.96
C THR C 177 32.09 -27.29 24.57
N ALA C 178 32.20 -27.41 25.90
CA ALA C 178 33.36 -26.97 26.65
C ALA C 178 34.62 -27.83 26.45
N MET C 179 34.46 -28.96 25.78
CA MET C 179 35.56 -29.86 25.47
C MET C 179 36.06 -29.73 24.01
N LEU C 180 35.47 -28.79 23.27
CA LEU C 180 35.85 -28.49 21.87
C LEU C 180 36.97 -27.44 21.84
N ARG C 181 38.19 -27.87 22.17
CA ARG C 181 39.27 -26.93 22.44
C ARG C 181 40.35 -26.90 21.36
N VAL C 182 40.06 -27.47 20.19
CA VAL C 182 41.01 -27.44 19.07
C VAL C 182 40.94 -26.08 18.36
N PRO C 183 42.10 -25.41 18.23
CA PRO C 183 42.08 -24.16 17.43
C PRO C 183 41.61 -24.34 15.99
N LEU C 184 40.96 -23.30 15.49
CA LEU C 184 40.38 -23.25 14.16
C LEU C 184 41.40 -23.57 13.08
N ASN C 185 42.64 -23.14 13.26
CA ASN C 185 43.70 -23.37 12.29
C ASN C 185 44.24 -24.80 12.22
N GLN C 186 43.64 -25.70 13.01
CA GLN C 186 43.99 -27.13 12.96
C GLN C 186 42.74 -27.95 12.63
N MET C 187 41.72 -27.27 12.10
CA MET C 187 40.49 -27.93 11.66
C MET C 187 40.26 -27.58 10.21
N THR C 188 39.56 -28.45 9.51
CA THR C 188 39.06 -28.12 8.18
C THR C 188 37.67 -27.60 8.40
N ILE C 189 37.55 -26.27 8.46
CA ILE C 189 36.27 -25.60 8.81
C ILE C 189 36.34 -24.15 8.35
N GLY C 190 35.23 -23.61 7.86
CA GLY C 190 35.18 -22.19 7.44
C GLY C 190 35.81 -21.96 6.08
N THR C 191 35.74 -20.71 5.61
CA THR C 191 36.24 -20.38 4.26
C THR C 191 37.32 -19.33 4.39
N TRP C 192 38.44 -19.55 3.71
CA TRP C 192 39.67 -18.83 3.94
C TRP C 192 40.28 -18.26 2.66
N SER C 193 39.69 -18.57 1.51
CA SER C 193 40.19 -17.98 0.27
C SER C 193 39.06 -17.61 -0.66
N ASN C 194 39.38 -16.77 -1.65
CA ASN C 194 38.37 -16.25 -2.59
C ASN C 194 37.15 -15.77 -1.84
N LEU C 195 37.39 -14.92 -0.85
CA LEU C 195 36.29 -14.34 -0.09
C LEU C 195 35.63 -13.26 -0.94
N ALA C 196 34.31 -13.18 -0.90
CA ALA C 196 33.56 -12.05 -1.47
C ALA C 196 33.53 -10.92 -0.44
N THR C 197 34.09 -9.78 -0.80
CA THR C 197 34.12 -8.62 0.08
C THR C 197 33.64 -7.40 -0.69
N ALA C 198 33.32 -6.35 0.05
CA ALA C 198 32.95 -5.10 -0.55
C ALA C 198 33.68 -3.98 0.17
N SER C 199 33.60 -2.77 -0.38
CA SER C 199 34.07 -1.57 0.27
C SER C 199 32.86 -0.63 0.43
N MET C 200 33.05 0.47 1.14
CA MET C 200 31.99 1.48 1.33
C MET C 200 31.60 2.18 0.02
N GLU C 201 32.47 2.12 -0.98
CA GLU C 201 32.17 2.71 -2.26
C GLU C 201 31.38 1.76 -3.16
N THR C 202 31.37 0.46 -2.86
CA THR C 202 30.63 -0.54 -3.63
C THR C 202 29.09 -0.24 -3.70
N LYS C 203 28.51 -0.40 -4.89
CA LYS C 203 27.09 -0.29 -5.05
C LYS C 203 26.36 -1.44 -4.38
N VAL C 204 25.22 -1.12 -3.79
CA VAL C 204 24.45 -2.09 -3.05
C VAL C 204 23.98 -3.25 -3.96
N TYR C 205 23.63 -2.91 -5.20
CA TYR C 205 23.23 -3.90 -6.18
C TYR C 205 24.35 -4.91 -6.54
N ASP C 206 25.61 -4.50 -6.42
CA ASP C 206 26.73 -5.38 -6.68
C ASP C 206 26.95 -6.33 -5.50
N VAL C 207 26.81 -5.81 -4.29
CA VAL C 207 26.71 -6.65 -3.09
C VAL C 207 25.55 -7.69 -3.19
N ILE C 208 24.38 -7.22 -3.61
CA ILE C 208 23.18 -8.05 -3.66
C ILE C 208 23.31 -9.14 -4.73
N LYS C 209 24.15 -8.87 -5.73
CA LYS C 209 24.44 -9.87 -6.76
C LYS C 209 25.66 -10.70 -6.37
N MET C 210 26.36 -10.27 -5.33
CA MET C 210 27.28 -11.15 -4.61
C MET C 210 26.53 -12.17 -3.78
N LEU C 211 25.52 -11.70 -3.04
CA LEU C 211 24.77 -12.58 -2.12
C LEU C 211 24.02 -13.66 -2.89
N ALA C 212 23.45 -13.32 -4.04
CA ALA C 212 22.74 -14.35 -4.79
C ALA C 212 23.72 -15.34 -5.39
N GLU C 213 24.69 -14.86 -6.15
CA GLU C 213 25.62 -15.72 -6.88
C GLU C 213 26.43 -16.65 -6.00
N LYS C 214 26.96 -16.12 -4.89
CA LYS C 214 27.76 -16.92 -3.95
C LYS C 214 26.90 -17.74 -3.00
N ASN C 215 25.62 -17.38 -2.91
CA ASN C 215 24.69 -17.93 -1.93
C ASN C 215 25.23 -17.80 -0.52
N ILE C 216 25.48 -16.56 -0.13
CA ILE C 216 25.85 -16.23 1.23
C ILE C 216 24.80 -15.24 1.72
N SER C 217 24.66 -15.13 3.03
CA SER C 217 23.73 -14.21 3.68
C SER C 217 24.34 -12.82 3.98
N ALA C 218 25.67 -12.71 3.91
CA ALA C 218 26.39 -11.48 4.27
C ALA C 218 27.72 -11.29 3.52
N VAL C 219 28.13 -10.03 3.32
CA VAL C 219 29.39 -9.67 2.66
C VAL C 219 30.14 -8.74 3.60
N PRO C 220 31.36 -9.14 4.03
CA PRO C 220 32.21 -8.29 4.87
C PRO C 220 32.67 -7.07 4.11
N ILE C 221 32.73 -5.94 4.82
CA ILE C 221 33.19 -4.69 4.22
C ILE C 221 34.56 -4.34 4.75
N VAL C 222 35.52 -4.22 3.85
CA VAL C 222 36.90 -3.96 4.23
C VAL C 222 37.34 -2.61 3.67
N ASN C 223 38.47 -2.10 4.14
CA ASN C 223 39.02 -0.94 3.51
C ASN C 223 40.17 -1.36 2.58
N SER C 224 40.87 -0.37 1.99
CA SER C 224 42.08 -0.59 1.19
C SER C 224 43.15 -1.50 1.79
N GLU C 225 43.25 -1.52 3.12
CA GLU C 225 44.28 -2.30 3.83
C GLU C 225 43.77 -3.66 4.20
N GLY C 226 42.52 -3.94 3.86
CA GLY C 226 41.87 -5.20 4.24
C GLY C 226 41.38 -5.29 5.67
N THR C 227 41.40 -4.18 6.37
CA THR C 227 40.87 -4.20 7.73
C THR C 227 39.35 -4.18 7.71
N LEU C 228 38.80 -5.01 8.60
CA LEU C 228 37.37 -5.26 8.66
C LEU C 228 36.71 -4.05 9.27
N LEU C 229 35.72 -3.51 8.57
CA LEU C 229 35.01 -2.30 9.00
C LEU C 229 33.61 -2.60 9.50
N ASN C 230 32.89 -3.46 8.74
CA ASN C 230 31.47 -3.71 8.92
C ASN C 230 31.06 -4.86 8.02
N VAL C 231 29.74 -4.99 7.81
CA VAL C 231 29.12 -6.10 7.05
C VAL C 231 27.90 -5.54 6.34
N TYR C 232 27.60 -6.12 5.19
CA TYR C 232 26.33 -5.87 4.54
C TYR C 232 25.54 -7.19 4.39
N GLU C 233 24.51 -7.33 5.22
CA GLU C 233 23.70 -8.56 5.22
C GLU C 233 22.48 -8.43 4.31
N SER C 234 21.97 -9.57 3.86
CA SER C 234 20.71 -9.66 3.12
C SER C 234 19.55 -9.07 3.91
N VAL C 235 19.56 -9.22 5.23
CA VAL C 235 18.56 -8.53 6.09
C VAL C 235 18.60 -6.99 6.01
N ASP C 236 19.75 -6.42 5.62
CA ASP C 236 19.90 -4.96 5.36
C ASP C 236 19.12 -4.54 4.14
N VAL C 237 18.88 -5.45 3.21
CA VAL C 237 18.11 -5.15 2.00
C VAL C 237 16.70 -4.72 2.37
N MET C 238 16.16 -5.35 3.41
CA MET C 238 14.85 -4.97 3.89
C MET C 238 14.71 -3.51 4.20
N HIS C 239 15.70 -2.93 4.89
CA HIS C 239 15.68 -1.52 5.29
C HIS C 239 15.78 -0.56 4.12
N LEU C 240 16.37 -1.05 3.04
CA LEU C 240 16.57 -0.26 1.85
C LEU C 240 15.28 -0.15 1.05
N ILE C 241 14.48 -1.22 1.03
CA ILE C 241 13.24 -1.26 0.22
C ILE C 241 11.92 -1.26 1.01
N GLN C 242 11.97 -1.15 2.34
CA GLN C 242 10.74 -1.15 3.14
C GLN C 242 9.83 0.05 2.83
N ASP C 243 10.39 1.10 2.23
CA ASP C 243 9.63 2.33 2.00
C ASP C 243 9.09 2.43 0.55
N GLY C 244 9.44 1.45 -0.28
CA GLY C 244 9.08 1.44 -1.67
C GLY C 244 10.13 2.03 -2.59
N ASP C 245 11.23 2.50 -2.01
CA ASP C 245 12.29 3.19 -2.75
C ASP C 245 13.40 2.24 -3.21
N TYR C 246 13.20 1.73 -4.43
CA TYR C 246 14.12 0.78 -5.09
C TYR C 246 15.33 1.48 -5.76
N SER C 247 15.37 2.81 -5.79
CA SER C 247 16.58 3.55 -6.23
C SER C 247 17.64 3.60 -5.14
N ASN C 248 17.24 3.22 -3.93
CA ASN C 248 18.15 3.02 -2.81
C ASN C 248 19.11 1.89 -3.12
N LEU C 249 18.73 1.03 -4.05
CA LEU C 249 19.60 -0.05 -4.52
C LEU C 249 20.81 0.50 -5.28
N ASP C 250 20.72 1.76 -5.70
CA ASP C 250 21.82 2.39 -6.41
C ASP C 250 22.84 3.15 -5.53
N LEU C 251 22.64 3.06 -4.22
CA LEU C 251 23.43 3.78 -3.29
C LEU C 251 24.70 3.00 -3.10
N SER C 252 25.77 3.68 -2.71
CA SER C 252 26.95 3.02 -2.19
C SER C 252 26.62 2.25 -0.89
N VAL C 253 27.41 1.23 -0.59
CA VAL C 253 27.29 0.53 0.69
C VAL C 253 27.39 1.49 1.89
N GLY C 254 28.27 2.49 1.80
CA GLY C 254 28.39 3.50 2.82
C GLY C 254 27.14 4.29 3.10
N GLU C 255 26.54 4.87 2.05
CA GLU C 255 25.28 5.60 2.16
C GLU C 255 24.18 4.71 2.72
N ALA C 256 24.05 3.50 2.18
CA ALA C 256 23.05 2.54 2.64
C ALA C 256 23.19 2.27 4.12
N LEU C 257 24.43 2.00 4.54
CA LEU C 257 24.79 1.67 5.92
C LEU C 257 24.45 2.74 6.96
N LEU C 258 24.45 3.99 6.53
CA LEU C 258 24.08 5.10 7.39
C LEU C 258 22.60 5.18 7.72
N LYS C 259 21.81 4.30 7.09
CA LYS C 259 20.38 4.22 7.35
C LYS C 259 20.05 3.11 8.35
N ARG C 260 21.04 2.33 8.77
CA ARG C 260 20.81 1.15 9.61
C ARG C 260 20.42 1.57 11.03
N PRO C 261 19.29 1.04 11.54
CA PRO C 261 18.92 1.31 12.93
C PRO C 261 19.82 0.60 13.96
N ALA C 262 19.75 1.03 15.22
CA ALA C 262 20.68 0.56 16.27
C ALA C 262 20.38 -0.85 16.77
N ASN C 263 19.28 -1.38 16.22
CA ASN C 263 18.85 -2.77 16.26
C ASN C 263 19.82 -3.86 15.85
N PHE C 264 21.01 -3.47 15.42
CA PHE C 264 21.96 -4.36 14.80
C PHE C 264 22.51 -5.49 15.71
N ASP C 265 22.38 -6.72 15.22
CA ASP C 265 23.02 -7.92 15.75
C ASP C 265 24.49 -7.71 16.13
N GLY C 266 25.22 -6.93 15.31
CA GLY C 266 26.63 -6.63 15.55
C GLY C 266 27.56 -7.40 14.61
N VAL C 267 28.83 -7.01 14.56
CA VAL C 267 29.82 -7.69 13.74
C VAL C 267 30.77 -8.48 14.66
N HIS C 268 30.63 -9.80 14.65
CA HIS C 268 31.42 -10.65 15.52
C HIS C 268 32.65 -11.16 14.82
N THR C 269 33.73 -11.28 15.58
CA THR C 269 35.01 -11.69 15.05
C THR C 269 35.70 -12.72 15.96
N CYS C 270 36.57 -13.52 15.37
CA CYS C 270 37.45 -14.32 16.20
C CYS C 270 38.81 -14.47 15.52
N ARG C 271 39.73 -15.12 16.20
CA ARG C 271 41.04 -15.33 15.66
C ARG C 271 41.18 -16.77 15.24
N ALA C 272 42.14 -17.04 14.35
CA ALA C 272 42.43 -18.39 13.90
C ALA C 272 42.89 -19.28 15.05
N THR C 273 43.22 -18.69 16.20
CA THR C 273 43.67 -19.49 17.33
C THR C 273 42.56 -19.81 18.30
N ASP C 274 41.41 -19.16 18.13
CA ASP C 274 40.20 -19.41 18.91
C ASP C 274 39.59 -20.80 18.62
N ARG C 275 38.76 -21.27 19.54
CA ARG C 275 38.19 -22.60 19.43
C ARG C 275 36.67 -22.57 19.54
N LEU C 276 36.02 -23.70 19.21
CA LEU C 276 34.54 -23.86 19.27
C LEU C 276 33.91 -23.78 20.68
N ASP C 277 34.69 -24.07 21.71
CA ASP C 277 34.19 -23.85 23.07
C ASP C 277 33.81 -22.38 23.33
N GLY C 278 34.67 -21.45 22.93
CA GLY C 278 34.43 -20.03 23.13
C GLY C 278 33.33 -19.49 22.25
N ILE C 279 33.25 -20.03 21.03
CA ILE C 279 32.25 -19.70 20.03
C ILE C 279 30.83 -20.12 20.44
N PHE C 280 30.68 -21.32 20.99
CA PHE C 280 29.39 -21.78 21.52
C PHE C 280 28.99 -20.99 22.74
N ASP C 281 29.98 -20.51 23.46
CA ASP C 281 29.75 -19.61 24.56
C ASP C 281 29.22 -18.22 24.15
N ALA C 282 29.71 -17.69 23.02
CA ALA C 282 29.21 -16.44 22.49
C ALA C 282 27.80 -16.64 21.97
N ILE C 283 27.58 -17.74 21.24
CA ILE C 283 26.26 -18.15 20.72
C ILE C 283 25.21 -18.21 21.86
N LYS C 284 25.63 -18.73 23.01
CA LYS C 284 24.82 -18.85 24.21
C LYS C 284 24.29 -17.52 24.76
N HIS C 285 25.04 -16.45 24.56
CA HIS C 285 24.73 -15.18 25.17
C HIS C 285 24.48 -14.04 24.16
N SER C 286 24.50 -14.33 22.87
CA SER C 286 24.41 -13.28 21.86
C SER C 286 23.88 -13.84 20.55
N ARG C 287 23.11 -13.03 19.84
CA ARG C 287 22.72 -13.40 18.50
C ARG C 287 23.92 -13.16 17.60
N VAL C 288 24.69 -14.23 17.41
CA VAL C 288 25.87 -14.25 16.58
C VAL C 288 25.39 -14.97 15.34
N HIS C 289 25.63 -14.38 14.16
CA HIS C 289 25.16 -15.01 12.95
C HIS C 289 26.24 -15.57 12.07
N ARG C 290 27.48 -15.35 12.46
CA ARG C 290 28.64 -15.68 11.66
C ARG C 290 29.80 -15.08 12.46
N LEU C 291 31.02 -15.47 12.10
CA LEU C 291 32.18 -14.91 12.73
C LEU C 291 33.12 -14.61 11.60
N PHE C 292 33.67 -13.40 11.59
CA PHE C 292 34.77 -13.11 10.66
C PHE C 292 36.08 -13.37 11.37
N VAL C 293 36.86 -14.29 10.84
CA VAL C 293 38.20 -14.57 11.34
C VAL C 293 39.15 -13.43 10.93
N VAL C 294 39.74 -12.79 11.94
CA VAL C 294 40.62 -11.63 11.77
C VAL C 294 42.00 -11.89 12.45
N ASP C 295 43.00 -11.06 12.14
CA ASP C 295 44.27 -11.10 12.87
C ASP C 295 44.31 -10.02 13.94
N GLU C 296 45.49 -9.80 14.51
CA GLU C 296 45.65 -8.79 15.55
C GLU C 296 45.25 -7.41 15.06
N ASN C 297 45.49 -7.17 13.76
CA ASN C 297 45.24 -5.88 13.11
C ASN C 297 43.86 -5.75 12.50
N LEU C 298 42.96 -6.63 12.91
CA LEU C 298 41.61 -6.66 12.37
C LEU C 298 41.62 -6.87 10.86
N LYS C 299 42.65 -7.56 10.38
CA LYS C 299 42.70 -7.92 8.98
C LYS C 299 41.90 -9.19 8.74
N LEU C 300 40.98 -9.13 7.80
CA LEU C 300 40.13 -10.26 7.44
C LEU C 300 40.93 -11.43 6.90
N GLU C 301 40.72 -12.64 7.45
CA GLU C 301 41.38 -13.87 6.97
C GLU C 301 40.41 -14.97 6.53
N GLY C 302 39.20 -14.96 7.07
CA GLY C 302 38.22 -16.01 6.78
C GLY C 302 36.85 -15.75 7.34
N ILE C 303 35.95 -16.69 7.10
CA ILE C 303 34.56 -16.65 7.55
C ILE C 303 34.15 -17.98 8.16
N LEU C 304 33.57 -17.93 9.33
CA LEU C 304 32.96 -19.09 9.95
C LEU C 304 31.48 -18.79 10.09
N SER C 305 30.67 -19.38 9.22
CA SER C 305 29.24 -19.15 9.34
C SER C 305 28.57 -20.18 10.26
N LEU C 306 27.33 -19.92 10.64
CA LEU C 306 26.58 -20.90 11.43
C LEU C 306 26.45 -22.26 10.73
N ALA C 307 26.19 -22.23 9.43
CA ALA C 307 26.16 -23.43 8.61
C ALA C 307 27.45 -24.22 8.69
N ASP C 308 28.59 -23.54 8.57
CA ASP C 308 29.92 -24.13 8.78
C ASP C 308 30.02 -24.92 10.06
N ILE C 309 29.54 -24.35 11.16
CA ILE C 309 29.60 -24.97 12.47
C ILE C 309 28.67 -26.18 12.53
N LEU C 310 27.41 -26.00 12.14
CA LEU C 310 26.42 -27.08 12.16
C LEU C 310 26.80 -28.25 11.30
N ASN C 311 27.27 -27.93 10.08
CA ASN C 311 27.68 -28.98 9.18
C ASN C 311 28.94 -29.76 9.65
N TYR C 312 29.79 -29.11 10.46
CA TYR C 312 30.93 -29.76 11.10
C TYR C 312 30.45 -30.73 12.18
N ILE C 313 29.53 -30.29 13.04
CA ILE C 313 29.13 -31.11 14.20
C ILE C 313 28.15 -32.23 13.89
N ILE C 314 27.49 -32.21 12.74
CA ILE C 314 26.48 -33.22 12.41
C ILE C 314 26.94 -34.34 11.47
N TYR C 315 28.06 -34.15 10.80
CA TYR C 315 28.53 -35.23 9.94
C TYR C 315 29.55 -36.11 10.65
N ASP C 316 29.38 -37.43 10.54
CA ASP C 316 30.48 -38.36 10.72
C ASP C 316 31.54 -38.18 9.64
N LYS C 317 32.81 -38.29 10.03
CA LYS C 317 33.92 -37.92 9.16
C LYS C 317 35.05 -38.95 9.25
N THR C 318 35.03 -39.91 8.33
CA THR C 318 33.94 -40.88 8.24
C THR C 318 33.31 -40.87 6.85
N ASP C 328 22.51 -22.76 -9.96
CA ASP C 328 21.33 -21.87 -10.04
C ASP C 328 21.67 -20.37 -10.03
N ASN C 329 22.62 -20.01 -9.17
CA ASN C 329 23.06 -18.63 -8.92
C ASN C 329 22.04 -17.80 -8.12
N PHE C 330 21.46 -18.41 -7.10
CA PHE C 330 20.46 -17.77 -6.26
C PHE C 330 20.74 -18.02 -4.79
N GLU C 331 20.39 -17.03 -3.95
CA GLU C 331 20.41 -17.21 -2.50
C GLU C 331 19.29 -18.15 -2.01
N SER C 332 19.67 -19.07 -1.14
CA SER C 332 18.76 -19.93 -0.40
C SER C 332 18.08 -19.14 0.71
N ALA C 333 16.98 -19.68 1.24
CA ALA C 333 16.30 -19.07 2.41
C ALA C 333 17.30 -18.47 3.41
N VAL C 334 17.17 -17.18 3.71
CA VAL C 334 18.03 -16.54 4.73
C VAL C 334 17.31 -16.46 6.12
N ASN D 11 11.26 10.27 -6.41
CA ASN D 11 12.22 10.90 -7.39
C ASN D 11 11.59 11.88 -8.43
N LYS D 12 12.47 12.45 -9.28
CA LYS D 12 12.13 13.55 -10.18
C LYS D 12 11.67 13.03 -11.55
N TRP D 13 10.88 13.85 -12.24
CA TRP D 13 10.52 13.56 -13.64
C TRP D 13 11.72 13.69 -14.55
N HIS D 14 11.91 12.69 -15.42
CA HIS D 14 12.64 12.89 -16.67
C HIS D 14 11.72 12.71 -17.87
N PHE D 15 12.22 13.08 -19.05
CA PHE D 15 11.69 12.55 -20.30
C PHE D 15 12.09 11.10 -20.50
N GLY D 16 11.21 10.31 -21.11
CA GLY D 16 11.60 9.07 -21.74
C GLY D 16 11.44 7.88 -20.84
N VAL D 17 12.14 6.79 -21.16
CA VAL D 17 12.45 5.76 -20.18
C VAL D 17 13.94 5.40 -20.21
N ARG D 18 14.54 5.31 -19.02
CA ARG D 18 15.97 5.07 -18.90
C ARG D 18 16.29 3.62 -19.23
N CYS D 19 17.42 3.42 -19.90
CA CYS D 19 17.90 2.12 -20.35
C CYS D 19 19.40 2.05 -20.14
N ARG D 20 19.89 0.83 -19.91
CA ARG D 20 21.29 0.57 -19.56
C ARG D 20 21.83 -0.55 -20.49
N GLY D 21 23.14 -0.56 -20.75
CA GLY D 21 23.73 -1.66 -21.53
C GLY D 21 24.25 -1.27 -22.90
N ASP D 22 24.02 -2.15 -23.88
CA ASP D 22 24.38 -1.86 -25.26
C ASP D 22 23.11 -1.44 -25.99
N ALA D 23 23.26 -0.47 -26.87
CA ALA D 23 22.12 0.13 -27.57
C ALA D 23 21.35 -0.84 -28.49
N PRO D 24 22.08 -1.71 -29.24
CA PRO D 24 21.47 -2.78 -30.06
C PRO D 24 20.67 -3.84 -29.30
N GLU D 25 21.15 -4.23 -28.12
CA GLU D 25 20.36 -5.04 -27.17
C GLU D 25 19.08 -4.32 -26.73
N ILE D 26 19.19 -3.01 -26.47
CA ILE D 26 18.03 -2.23 -26.04
C ILE D 26 17.02 -2.07 -27.18
N LEU D 27 17.50 -1.79 -28.39
CA LEU D 27 16.62 -1.62 -29.54
C LEU D 27 15.80 -2.88 -29.77
N LEU D 28 16.46 -4.05 -29.70
CA LEU D 28 15.81 -5.38 -29.66
C LEU D 28 14.73 -5.54 -28.59
N ALA D 29 15.05 -5.16 -27.35
CA ALA D 29 14.09 -5.21 -26.26
C ALA D 29 12.89 -4.30 -26.54
N VAL D 30 13.14 -3.21 -27.26
CA VAL D 30 12.09 -2.26 -27.60
C VAL D 30 11.16 -2.82 -28.67
N TYR D 31 11.75 -3.49 -29.66
CA TYR D 31 10.98 -4.16 -30.71
C TYR D 31 10.15 -5.30 -30.17
N ARG D 32 10.74 -6.04 -29.22
CA ARG D 32 10.04 -7.13 -28.56
C ARG D 32 8.83 -6.65 -27.73
N ALA D 33 9.01 -5.61 -26.92
CA ALA D 33 7.91 -5.02 -26.17
C ALA D 33 6.82 -4.45 -27.09
N LEU D 34 7.23 -3.85 -28.21
CA LEU D 34 6.31 -3.24 -29.15
C LEU D 34 5.43 -4.31 -29.72
N GLN D 35 6.05 -5.45 -30.04
CA GLN D 35 5.35 -6.57 -30.62
C GLN D 35 4.40 -7.25 -29.63
N ARG D 36 4.85 -7.42 -28.37
CA ARG D 36 3.98 -7.94 -27.30
C ARG D 36 2.81 -6.98 -26.99
N ALA D 37 2.99 -5.69 -27.29
CA ALA D 37 1.94 -4.68 -27.05
C ALA D 37 0.96 -4.49 -28.23
N GLY D 38 1.10 -5.32 -29.27
CA GLY D 38 0.28 -5.21 -30.48
C GLY D 38 0.64 -4.10 -31.47
N ALA D 39 1.65 -3.29 -31.18
CA ALA D 39 2.10 -2.23 -32.09
C ALA D 39 2.63 -2.78 -33.43
N GLN D 40 2.46 -2.02 -34.52
CA GLN D 40 3.21 -2.28 -35.76
C GLN D 40 4.34 -1.26 -35.86
N PHE D 41 5.33 -1.50 -36.70
CA PHE D 41 6.56 -0.70 -36.59
C PHE D 41 7.42 -0.72 -37.84
N THR D 42 8.19 0.35 -38.04
CA THR D 42 9.21 0.37 -39.07
C THR D 42 10.40 -0.41 -38.58
N VAL D 43 11.23 -0.86 -39.51
CA VAL D 43 12.46 -1.58 -39.17
C VAL D 43 13.66 -1.03 -39.93
N PRO D 44 14.85 -1.22 -39.36
CA PRO D 44 16.07 -0.64 -39.93
C PRO D 44 16.14 -0.86 -41.43
N LYS D 45 16.42 0.20 -42.18
CA LYS D 45 16.61 0.11 -43.61
C LYS D 45 18.04 0.50 -43.94
N PRO D 46 18.83 -0.44 -44.47
CA PRO D 46 20.19 -0.13 -44.92
C PRO D 46 20.21 0.78 -46.13
N VAL D 47 20.69 2.00 -45.92
CA VAL D 47 21.05 2.89 -47.02
C VAL D 47 22.49 2.58 -47.42
N ASN D 48 22.70 2.29 -48.71
CA ASN D 48 24.03 2.09 -49.28
C ASN D 48 24.74 0.78 -48.85
N GLY D 49 23.98 -0.13 -48.26
CA GLY D 49 24.51 -1.45 -47.87
C GLY D 49 25.06 -1.52 -46.45
N LYS D 50 24.67 -0.57 -45.62
CA LYS D 50 25.15 -0.50 -44.25
C LYS D 50 24.06 0.12 -43.38
N TYR D 51 23.93 -0.33 -42.13
CA TYR D 51 22.94 0.25 -41.18
C TYR D 51 23.41 1.58 -40.60
N ARG D 52 22.48 2.54 -40.48
CA ARG D 52 22.81 3.89 -40.01
C ARG D 52 22.11 4.26 -38.70
N SER D 53 22.57 5.35 -38.08
CA SER D 53 22.08 5.78 -36.78
C SER D 53 20.57 5.97 -36.72
N ASP D 54 19.96 6.24 -37.88
CA ASP D 54 18.50 6.37 -37.95
C ASP D 54 17.77 5.07 -37.66
N MET D 55 18.52 4.01 -37.38
CA MET D 55 17.89 2.74 -37.03
C MET D 55 17.28 2.79 -35.63
N TYR D 56 17.72 3.79 -34.86
CA TYR D 56 17.29 4.02 -33.48
C TYR D 56 16.06 4.90 -33.39
N THR D 57 15.54 5.29 -34.55
CA THR D 57 14.24 5.95 -34.67
C THR D 57 13.20 4.93 -35.11
N ILE D 58 12.26 4.60 -34.24
CA ILE D 58 11.18 3.71 -34.62
C ILE D 58 9.86 4.46 -34.76
N LYS D 59 9.27 4.41 -35.95
CA LYS D 59 7.89 4.81 -36.12
C LYS D 59 6.96 3.62 -35.89
N SER D 60 6.07 3.74 -34.91
CA SER D 60 5.10 2.70 -34.63
C SER D 60 3.65 3.13 -34.87
N ARG D 61 2.78 2.15 -35.04
CA ARG D 61 1.38 2.41 -35.27
C ARG D 61 0.53 1.43 -34.45
N TRP D 62 -0.44 2.00 -33.75
CA TRP D 62 -1.24 1.29 -32.77
C TRP D 62 -2.72 1.37 -33.12
N GLU D 63 -3.36 0.22 -33.29
CA GLU D 63 -4.80 0.11 -33.11
C GLU D 63 -5.21 0.58 -31.71
N ILE D 64 -5.82 1.77 -31.65
CA ILE D 64 -6.25 2.34 -30.38
C ILE D 64 -7.55 1.68 -29.90
N PRO D 65 -7.50 1.09 -28.72
CA PRO D 65 -8.36 -0.07 -28.40
C PRO D 65 -9.83 0.34 -28.30
N HIS D 66 -10.11 1.41 -27.56
CA HIS D 66 -11.50 1.84 -27.31
C HIS D 66 -12.24 2.27 -28.58
N CYS D 67 -11.49 2.68 -29.59
CA CYS D 67 -12.07 3.05 -30.89
C CYS D 67 -12.58 1.83 -31.66
N LYS D 68 -11.78 0.76 -31.67
CA LYS D 68 -12.15 -0.49 -32.35
C LYS D 68 -13.43 -1.10 -31.76
N ARG D 69 -13.48 -1.19 -30.43
CA ARG D 69 -14.68 -1.62 -29.70
C ARG D 69 -15.93 -0.87 -30.17
N GLU D 70 -15.86 0.47 -30.16
CA GLU D 70 -17.01 1.29 -30.51
C GLU D 70 -17.07 1.70 -32.00
N GLY D 71 -16.30 1.00 -32.84
CA GLY D 71 -16.47 1.03 -34.32
C GLY D 71 -15.74 2.08 -35.14
N LYS D 72 -14.42 2.10 -35.02
CA LYS D 72 -13.53 3.07 -35.69
C LYS D 72 -12.22 2.40 -36.12
N ASN D 73 -11.74 2.71 -37.32
CA ASN D 73 -10.42 2.25 -37.76
C ASN D 73 -9.31 3.29 -37.52
N THR D 74 -9.21 3.70 -36.26
CA THR D 74 -8.31 4.79 -35.86
C THR D 74 -7.00 4.29 -35.27
N TYR D 75 -5.92 4.88 -35.75
CA TYR D 75 -4.58 4.55 -35.32
C TYR D 75 -3.96 5.71 -34.56
N ALA D 76 -3.07 5.36 -33.64
CA ALA D 76 -2.23 6.28 -32.91
C ALA D 76 -0.82 6.13 -33.45
N TYR D 77 -0.15 7.24 -33.70
CA TYR D 77 1.20 7.22 -34.25
C TYR D 77 2.18 7.69 -33.19
N ILE D 78 3.22 6.88 -32.98
CA ILE D 78 4.15 7.06 -31.88
C ILE D 78 5.60 6.88 -32.39
N GLU D 79 6.45 7.87 -32.20
CA GLU D 79 7.84 7.80 -32.63
C GLU D 79 8.76 7.50 -31.43
N LEU D 80 9.48 6.39 -31.52
CA LEU D 80 10.37 5.96 -30.44
C LEU D 80 11.77 6.43 -30.83
N GLN D 81 12.56 6.93 -29.87
CA GLN D 81 13.94 7.35 -30.17
C GLN D 81 14.93 7.13 -29.04
N LEU D 82 15.96 6.32 -29.29
CA LEU D 82 17.06 6.09 -28.36
C LEU D 82 18.16 7.12 -28.48
N TYR D 83 18.59 7.66 -27.33
CA TYR D 83 19.68 8.66 -27.20
C TYR D 83 20.72 8.17 -26.22
N GLU D 84 22.00 8.36 -26.53
CA GLU D 84 23.04 8.11 -25.54
C GLU D 84 23.21 9.32 -24.56
N VAL D 85 23.19 9.05 -23.26
CA VAL D 85 23.48 10.08 -22.30
C VAL D 85 24.90 10.01 -21.83
N MET D 86 25.40 8.81 -21.72
CA MET D 86 26.57 8.51 -20.94
C MET D 86 26.95 7.16 -21.48
N PRO D 87 28.16 6.71 -21.20
CA PRO D 87 28.51 5.38 -21.65
C PRO D 87 27.69 4.36 -20.92
N GLY D 88 26.89 3.66 -21.68
CA GLY D 88 26.10 2.56 -21.16
C GLY D 88 24.69 2.96 -20.80
N CYS D 89 24.46 4.28 -20.71
CA CYS D 89 23.18 4.83 -20.29
C CYS D 89 22.47 5.60 -21.41
N PHE D 90 21.19 5.29 -21.56
CA PHE D 90 20.37 5.72 -22.69
C PHE D 90 19.01 6.19 -22.17
N MET D 91 18.30 6.90 -23.06
CA MET D 91 16.93 7.34 -22.84
C MET D 91 16.13 6.84 -24.03
N LEU D 92 15.03 6.17 -23.75
CA LEU D 92 14.02 5.98 -24.77
C LEU D 92 13.05 7.16 -24.77
N ASP D 93 13.19 8.03 -25.75
CA ASP D 93 12.26 9.17 -25.92
C ASP D 93 11.03 8.70 -26.71
N VAL D 94 9.84 9.03 -26.20
CA VAL D 94 8.59 8.51 -26.75
C VAL D 94 7.62 9.65 -27.07
N LYS D 95 7.31 9.81 -28.35
CA LYS D 95 6.65 11.01 -28.83
C LYS D 95 5.37 10.68 -29.63
N SER D 96 4.31 11.46 -29.43
CA SER D 96 3.08 11.29 -30.16
C SER D 96 3.12 12.02 -31.52
N ASN D 97 2.70 11.36 -32.58
CA ASN D 97 2.47 12.03 -33.86
C ASN D 97 0.97 12.11 -34.20
N GLY D 98 0.14 11.78 -33.21
CA GLY D 98 -1.30 11.97 -33.34
C GLY D 98 -2.14 10.73 -33.57
N TYR D 99 -3.38 10.99 -34.00
CA TYR D 99 -4.39 9.98 -34.25
C TYR D 99 -5.05 10.19 -35.62
N LYS D 100 -5.33 9.10 -36.31
CA LYS D 100 -5.98 9.20 -37.62
C LYS D 100 -7.12 8.18 -37.79
N ASP D 101 -8.33 8.71 -37.95
CA ASP D 101 -9.58 7.94 -38.02
C ASP D 101 -9.88 7.38 -39.43
N ILE D 102 -10.53 6.20 -39.47
CA ILE D 102 -10.99 5.52 -40.71
C ILE D 102 -9.91 5.42 -41.83
N TYR D 103 -8.80 4.78 -41.48
CA TYR D 103 -7.60 4.70 -42.34
C TYR D 103 -7.84 4.00 -43.67
N LEU D 117 -8.29 19.29 -31.45
CA LEU D 117 -7.62 18.96 -30.20
C LEU D 117 -6.47 18.00 -30.43
N LYS D 118 -5.36 18.22 -29.72
CA LYS D 118 -4.37 17.18 -29.49
C LYS D 118 -4.35 16.73 -28.04
N SER D 119 -4.99 15.60 -27.76
CA SER D 119 -5.10 15.10 -26.41
C SER D 119 -3.84 14.31 -26.07
N SER D 120 -3.50 14.23 -24.79
CA SER D 120 -2.44 13.35 -24.32
C SER D 120 -2.94 11.90 -24.24
N PHE D 121 -4.25 11.74 -24.50
CA PHE D 121 -4.93 10.45 -24.49
C PHE D 121 -5.51 10.08 -25.85
N PRO D 122 -5.47 8.79 -26.22
CA PRO D 122 -4.91 7.65 -25.47
C PRO D 122 -3.40 7.43 -25.58
N PHE D 123 -2.66 8.40 -26.13
CA PHE D 123 -1.19 8.34 -26.18
C PHE D 123 -0.61 7.85 -24.84
N LEU D 124 -0.96 8.50 -23.73
CA LEU D 124 -0.45 8.11 -22.39
C LEU D 124 -0.85 6.72 -21.89
N ASP D 125 -2.04 6.28 -22.32
CA ASP D 125 -2.52 4.92 -22.04
C ASP D 125 -1.75 3.88 -22.84
N LEU D 126 -1.44 4.23 -24.08
CA LEU D 126 -0.59 3.43 -24.95
C LEU D 126 0.85 3.39 -24.45
N CYS D 127 1.39 4.53 -24.02
CA CYS D 127 2.69 4.56 -23.30
C CYS D 127 2.76 3.63 -22.08
N ALA D 128 1.70 3.58 -21.29
CA ALA D 128 1.65 2.70 -20.13
C ALA D 128 1.75 1.22 -20.56
N MET D 129 1.13 0.91 -21.70
CA MET D 129 1.12 -0.42 -22.29
C MET D 129 2.58 -0.79 -22.61
N LEU D 130 3.27 0.13 -23.28
CA LEU D 130 4.66 -0.02 -23.69
C LEU D 130 5.58 -0.20 -22.51
N VAL D 131 5.48 0.71 -21.55
CA VAL D 131 6.25 0.64 -20.30
C VAL D 131 6.11 -0.72 -19.62
N CYS D 132 4.87 -1.19 -19.49
CA CYS D 132 4.63 -2.49 -18.86
C CYS D 132 5.23 -3.65 -19.59
N LYS D 133 5.34 -3.55 -20.92
CA LYS D 133 5.96 -4.62 -21.71
C LYS D 133 7.48 -4.57 -21.56
N LEU D 134 8.03 -3.34 -21.52
CA LEU D 134 9.45 -3.15 -21.39
C LEU D 134 9.92 -3.73 -20.07
N PHE D 135 9.11 -3.62 -19.01
CA PHE D 135 9.45 -4.01 -17.62
C PHE D 135 9.18 -5.44 -17.28
N SER D 136 8.40 -6.11 -18.12
CA SER D 136 7.94 -7.43 -17.74
C SER D 136 8.60 -8.53 -18.55
N ALA D 137 9.38 -8.17 -19.58
CA ALA D 137 10.04 -9.15 -20.45
C ALA D 137 10.69 -10.36 -19.72
N GLU E 5 5.82 5.34 -42.66
CA GLU E 5 6.65 4.66 -43.64
C GLU E 5 6.01 3.39 -44.21
N GLN E 6 6.49 2.21 -43.84
CA GLN E 6 5.55 1.15 -43.54
C GLN E 6 5.76 -0.04 -42.63
N TYR E 7 4.66 -0.57 -42.12
CA TYR E 7 4.71 -1.12 -40.78
C TYR E 7 4.70 -2.64 -40.75
N SER E 8 5.73 -3.19 -40.13
CA SER E 8 5.88 -4.62 -39.96
C SER E 8 5.39 -5.04 -38.59
N THR E 9 5.03 -6.32 -38.46
CA THR E 9 4.79 -6.91 -37.15
C THR E 9 5.91 -7.90 -36.81
N GLU E 10 6.83 -8.06 -37.76
CA GLU E 10 8.00 -8.92 -37.64
C GLU E 10 9.22 -8.20 -37.11
N ILE E 11 9.72 -8.66 -35.96
CA ILE E 11 10.95 -8.16 -35.36
C ILE E 11 12.11 -8.34 -36.35
N PRO E 12 12.92 -7.28 -36.55
CA PRO E 12 14.03 -7.31 -37.51
C PRO E 12 14.97 -8.50 -37.29
N ALA E 13 15.16 -9.26 -38.35
CA ALA E 13 15.82 -10.57 -38.28
C ALA E 13 17.22 -10.53 -37.67
N PHE E 14 17.98 -9.50 -38.04
CA PHE E 14 19.40 -9.45 -37.67
C PHE E 14 19.63 -9.21 -36.18
N LEU E 15 18.68 -8.54 -35.52
CA LEU E 15 18.74 -8.28 -34.06
C LEU E 15 18.50 -9.54 -33.22
N THR E 16 17.69 -10.46 -33.75
CA THR E 16 17.35 -11.74 -33.13
C THR E 16 18.50 -12.77 -33.13
N SER E 17 19.48 -12.57 -34.01
CA SER E 17 20.62 -13.49 -34.12
C SER E 17 21.75 -12.96 -33.22
N ASN E 18 22.98 -13.38 -33.50
CA ASN E 18 24.14 -12.92 -32.75
C ASN E 18 25.17 -12.23 -33.63
N THR E 19 25.69 -11.09 -33.16
CA THR E 19 24.83 -9.97 -32.78
C THR E 19 25.16 -9.48 -31.38
N LEU E 20 25.80 -10.34 -30.58
CA LEU E 20 26.45 -9.92 -29.36
C LEU E 20 27.82 -9.32 -29.63
N GLN E 21 28.61 -9.99 -30.45
CA GLN E 21 29.92 -9.49 -30.85
C GLN E 21 29.80 -8.55 -32.04
N GLU E 22 29.26 -9.06 -33.14
CA GLU E 22 29.33 -8.35 -34.41
C GLU E 22 28.55 -9.12 -35.52
N LEU E 23 28.15 -8.47 -36.62
CA LEU E 23 28.58 -7.12 -37.02
C LEU E 23 28.48 -6.03 -35.97
N LYS E 24 29.35 -5.02 -36.09
CA LYS E 24 29.24 -3.79 -35.32
C LYS E 24 28.28 -2.83 -36.01
N LEU E 25 27.56 -2.08 -35.19
CA LEU E 25 26.42 -1.34 -35.65
C LEU E 25 26.58 0.15 -35.40
N PRO E 26 25.74 0.97 -36.06
CA PRO E 26 25.74 2.37 -35.73
C PRO E 26 25.28 2.58 -34.28
N LYS E 27 25.69 3.71 -33.72
CA LYS E 27 25.26 4.15 -32.41
C LYS E 27 24.09 5.12 -32.54
N PRO E 28 23.26 5.25 -31.49
CA PRO E 28 22.19 6.25 -31.42
C PRO E 28 22.77 7.66 -31.23
N PRO E 29 22.01 8.72 -31.61
CA PRO E 29 22.58 10.07 -31.40
C PRO E 29 22.72 10.37 -29.91
N SER E 30 23.47 11.43 -29.61
CA SER E 30 23.70 11.92 -28.26
C SER E 30 22.44 12.61 -27.78
N LEU E 31 22.19 12.65 -26.48
CA LEU E 31 20.97 13.30 -25.99
C LEU E 31 21.05 14.81 -26.16
N PRO E 32 20.05 15.42 -26.81
CA PRO E 32 20.04 16.88 -26.94
C PRO E 32 19.77 17.58 -25.61
N PRO E 33 20.37 18.78 -25.40
CA PRO E 33 20.21 19.55 -24.17
C PRO E 33 18.76 19.79 -23.79
N HIS E 34 17.90 20.04 -24.77
CA HIS E 34 16.48 20.32 -24.49
C HIS E 34 15.74 19.17 -23.79
N LEU E 35 16.26 17.94 -23.88
CA LEU E 35 15.58 16.82 -23.20
C LEU E 35 16.11 16.53 -21.79
N GLU E 36 16.98 17.40 -21.29
CA GLU E 36 17.66 17.18 -20.00
C GLU E 36 16.85 17.63 -18.78
N LYS E 37 15.96 18.60 -18.99
CA LYS E 37 15.17 19.14 -17.92
C LYS E 37 13.70 19.15 -18.31
N CYS E 38 12.86 19.14 -17.30
CA CYS E 38 11.46 18.82 -17.48
C CYS E 38 10.66 19.76 -16.60
N ILE E 39 9.67 20.46 -17.20
CA ILE E 39 8.89 21.52 -16.49
C ILE E 39 8.05 21.10 -15.27
N LEU E 40 7.77 19.81 -15.13
CA LEU E 40 7.06 19.28 -13.95
C LEU E 40 7.87 19.36 -12.67
N ASN E 41 9.18 19.38 -12.85
CA ASN E 41 10.17 19.53 -11.80
C ASN E 41 10.25 20.93 -11.19
N SER E 42 9.55 21.88 -11.79
CA SER E 42 9.54 23.22 -11.22
C SER E 42 8.24 23.46 -10.46
N ASN E 43 8.31 24.29 -9.42
CA ASN E 43 7.14 24.70 -8.63
C ASN E 43 7.30 26.12 -8.07
N THR E 44 7.61 27.02 -8.98
CA THR E 44 7.89 28.44 -8.69
C THR E 44 6.80 29.19 -7.92
N ALA E 45 5.55 29.06 -8.36
CA ALA E 45 4.43 29.77 -7.74
C ALA E 45 3.60 28.90 -6.78
N TYR E 46 4.28 28.16 -5.91
CA TYR E 46 3.62 27.19 -5.03
C TYR E 46 2.65 27.83 -4.06
N LYS E 47 2.93 29.09 -3.68
CA LYS E 47 2.11 29.90 -2.78
C LYS E 47 0.88 30.47 -3.46
N GLU E 48 1.04 30.94 -4.68
CA GLU E 48 -0.06 31.53 -5.44
C GLU E 48 -0.97 30.45 -6.07
N ASP E 49 -0.40 29.61 -6.91
CA ASP E 49 -1.12 28.54 -7.56
C ASP E 49 -0.06 27.52 -7.92
N GLN E 50 0.07 26.43 -7.16
CA GLN E 50 1.15 25.44 -7.36
C GLN E 50 1.00 24.65 -8.67
N SER E 51 -0.13 24.82 -9.33
CA SER E 51 -0.31 24.11 -10.60
C SER E 51 0.34 24.88 -11.72
N VAL E 52 0.70 26.15 -11.44
CA VAL E 52 1.32 27.01 -12.46
C VAL E 52 2.72 26.48 -12.81
N LEU E 53 2.88 26.15 -14.09
CA LEU E 53 4.14 25.71 -14.67
C LEU E 53 4.75 26.82 -15.58
N PRO E 54 6.07 26.73 -15.83
CA PRO E 54 6.62 27.57 -16.90
C PRO E 54 6.02 27.15 -18.23
N ASN E 55 6.22 27.97 -19.26
CA ASN E 55 5.89 27.56 -20.61
C ASN E 55 6.77 26.38 -21.08
N PRO E 56 6.14 25.37 -21.71
CA PRO E 56 6.93 24.27 -22.22
C PRO E 56 7.69 24.68 -23.47
N ASN E 57 8.69 23.88 -23.78
CA ASN E 57 9.43 24.04 -25.00
C ASN E 57 8.66 23.38 -26.16
N HIS E 58 8.49 24.17 -27.22
CA HIS E 58 7.72 23.83 -28.42
C HIS E 58 8.03 22.45 -29.02
N VAL E 59 9.29 22.03 -29.04
CA VAL E 59 9.61 20.70 -29.60
C VAL E 59 9.52 19.56 -28.60
N LEU E 60 8.88 19.81 -27.45
CA LEU E 60 8.77 18.80 -26.40
C LEU E 60 7.33 18.51 -26.00
N LEU E 61 6.40 18.95 -26.85
CA LEU E 61 4.98 18.69 -26.69
C LEU E 61 4.67 17.25 -27.03
N ASN E 62 3.79 16.64 -26.25
CA ASN E 62 3.43 15.23 -26.37
C ASN E 62 4.59 14.21 -26.50
N HIS E 63 5.65 14.50 -25.74
CA HIS E 63 6.72 13.55 -25.39
C HIS E 63 6.46 13.01 -23.99
N LEU E 64 6.72 11.73 -23.78
CA LEU E 64 6.53 11.12 -22.50
C LEU E 64 7.63 11.58 -21.52
N ALA E 65 7.19 11.95 -20.30
CA ALA E 65 8.03 12.09 -19.11
C ALA E 65 7.59 11.05 -18.09
N ALA E 66 8.49 10.60 -17.24
CA ALA E 66 8.23 9.50 -16.28
C ALA E 66 8.87 9.87 -14.93
N ALA E 67 8.28 9.44 -13.81
CA ALA E 67 8.86 9.61 -12.48
C ALA E 67 8.77 8.30 -11.73
N ASN E 68 9.78 8.02 -10.90
CA ASN E 68 9.76 6.91 -9.95
C ASN E 68 8.78 7.23 -8.85
N THR E 69 7.96 6.26 -8.45
CA THR E 69 7.09 6.42 -7.30
C THR E 69 7.42 5.31 -6.31
N GLN E 70 7.10 5.52 -5.05
CA GLN E 70 7.31 4.48 -4.06
C GLN E 70 5.95 3.96 -3.64
N LEU E 71 5.02 3.89 -4.59
CA LEU E 71 3.65 3.49 -4.31
C LEU E 71 3.15 2.32 -5.18
N GLY E 72 4.06 1.68 -5.92
CA GLY E 72 3.71 0.58 -6.79
C GLY E 72 2.78 1.00 -7.93
N VAL E 73 2.84 2.28 -8.29
CA VAL E 73 2.14 2.80 -9.46
C VAL E 73 3.07 3.42 -10.51
N LEU E 74 2.56 3.61 -11.72
CA LEU E 74 3.23 4.38 -12.76
C LEU E 74 2.86 5.84 -12.64
N ALA E 75 3.85 6.72 -12.84
CA ALA E 75 3.66 8.16 -12.99
C ALA E 75 4.19 8.57 -14.40
N LEU E 76 3.29 9.05 -15.24
CA LEU E 76 3.60 9.33 -16.62
C LEU E 76 2.98 10.67 -16.97
N SER E 77 3.57 11.35 -17.95
CA SER E 77 3.20 12.73 -18.16
C SER E 77 3.43 13.15 -19.59
N ALA E 78 2.69 14.20 -20.00
CA ALA E 78 2.81 14.73 -21.34
C ALA E 78 2.19 16.11 -21.37
N THR E 79 2.82 17.02 -22.11
CA THR E 79 2.30 18.38 -22.24
C THR E 79 1.65 18.48 -23.58
N THR E 80 0.48 19.11 -23.62
CA THR E 80 -0.20 19.42 -24.90
C THR E 80 -0.86 20.81 -24.83
N ARG E 81 -0.96 21.46 -25.98
CA ARG E 81 -1.63 22.74 -26.14
C ARG E 81 -3.10 22.43 -26.27
N TYR E 82 -3.90 23.02 -25.39
CA TYR E 82 -5.33 23.10 -25.60
C TYR E 82 -5.90 24.47 -25.93
N HIS E 83 -6.28 24.66 -27.19
CA HIS E 83 -6.20 25.97 -27.82
C HIS E 83 -4.83 26.60 -27.56
N ARG E 84 -4.83 27.70 -26.81
CA ARG E 84 -3.62 28.48 -26.57
C ARG E 84 -3.24 28.50 -25.09
N LYS E 85 -3.29 27.33 -24.47
CA LYS E 85 -2.73 27.14 -23.13
C LYS E 85 -2.24 25.72 -23.09
N TYR E 86 -1.31 25.44 -22.18
CA TYR E 86 -0.68 24.11 -22.06
C TYR E 86 -1.16 23.36 -20.81
N VAL E 87 -1.53 22.08 -21.00
CA VAL E 87 -1.94 21.17 -19.96
C VAL E 87 -0.83 20.12 -19.89
N THR E 88 -0.07 20.08 -18.79
CA THR E 88 0.78 18.92 -18.50
C THR E 88 -0.03 18.02 -17.61
N THR E 89 -0.54 16.93 -18.19
CA THR E 89 -1.26 15.97 -17.39
C THR E 89 -0.33 14.93 -16.82
N ALA E 90 -0.48 14.68 -15.52
CA ALA E 90 0.32 13.70 -14.81
C ALA E 90 -0.63 12.70 -14.26
N MET E 91 -0.61 11.52 -14.89
CA MET E 91 -1.46 10.41 -14.49
C MET E 91 -0.72 9.43 -13.60
N PHE E 92 -1.44 8.93 -12.59
CA PHE E 92 -0.96 7.85 -11.77
C PHE E 92 -1.79 6.64 -12.06
N LYS E 93 -1.11 5.53 -12.38
CA LYS E 93 -1.74 4.40 -13.05
C LYS E 93 -1.13 3.08 -12.55
N ASN E 94 -1.95 2.04 -12.40
CA ASN E 94 -1.47 0.72 -12.02
C ASN E 94 -0.71 0.00 -13.14
N PHE E 95 0.14 -0.94 -12.74
CA PHE E 95 0.77 -1.91 -13.69
C PHE E 95 -0.08 -3.17 -13.99
N ASP E 96 0.53 -4.17 -14.61
CA ASP E 96 -0.12 -5.33 -15.32
C ASP E 96 -0.31 -4.81 -16.76
N MET F 2 -24.70 58.36 -7.16
CA MET F 2 -25.67 57.31 -6.95
C MET F 2 -25.79 56.96 -5.47
N ASP F 3 -26.96 56.46 -5.07
CA ASP F 3 -27.06 55.58 -3.92
C ASP F 3 -25.94 54.55 -3.87
N VAL F 4 -25.47 54.23 -2.68
CA VAL F 4 -24.68 53.02 -2.45
C VAL F 4 -25.38 51.77 -2.98
N GLN F 5 -26.61 51.55 -2.55
CA GLN F 5 -27.40 50.41 -3.01
C GLN F 5 -27.64 50.48 -4.52
N GLU F 6 -27.98 51.67 -5.00
CA GLU F 6 -28.09 51.93 -6.52
C GLU F 6 -26.65 51.72 -7.29
N THR F 7 -25.59 52.37 -6.78
CA THR F 7 -24.27 52.19 -7.30
C THR F 7 -23.89 50.68 -7.34
N GLN F 8 -24.53 49.88 -6.44
CA GLN F 8 -24.16 48.45 -6.33
C GLN F 8 -24.99 47.53 -7.26
N LYS F 9 -26.27 47.88 -7.44
CA LYS F 9 -27.14 47.21 -8.43
C LYS F 9 -26.43 47.18 -9.80
N GLY F 10 -25.98 48.37 -10.24
CA GLY F 10 -25.17 48.52 -11.46
C GLY F 10 -23.85 47.74 -11.49
N ALA F 11 -23.15 47.70 -10.35
CA ALA F 11 -21.86 47.04 -10.30
C ALA F 11 -22.03 45.52 -10.46
N LEU F 12 -23.05 44.97 -9.77
CA LEU F 12 -23.46 43.60 -9.96
C LEU F 12 -23.75 43.21 -11.41
N LYS F 13 -24.52 44.05 -12.13
CA LYS F 13 -24.83 43.81 -13.54
C LYS F 13 -23.60 43.77 -14.46
N GLU F 14 -22.71 44.76 -14.31
CA GLU F 14 -21.41 44.69 -15.01
C GLU F 14 -20.62 43.41 -14.73
N ILE F 15 -20.62 42.95 -13.47
CA ILE F 15 -19.91 41.72 -13.11
C ILE F 15 -20.54 40.48 -13.74
N GLN F 16 -21.86 40.40 -13.73
CA GLN F 16 -22.59 39.34 -14.44
C GLN F 16 -22.37 39.40 -15.97
N ALA F 17 -22.34 40.58 -16.57
CA ALA F 17 -22.03 40.67 -17.99
C ALA F 17 -20.65 40.09 -18.26
N PHE F 18 -19.69 40.41 -17.39
CA PHE F 18 -18.31 39.95 -17.51
C PHE F 18 -18.21 38.44 -17.44
N ILE F 19 -18.84 37.84 -16.43
CA ILE F 19 -18.79 36.40 -16.22
C ILE F 19 -19.37 35.69 -17.45
N ARG F 20 -20.49 36.21 -17.97
CA ARG F 20 -21.11 35.76 -19.21
C ARG F 20 -20.20 35.82 -20.45
N SER F 21 -19.34 36.84 -20.51
CA SER F 21 -18.46 37.05 -21.68
C SER F 21 -17.16 36.23 -21.66
N ARG F 22 -16.78 35.73 -20.50
CA ARG F 22 -15.61 34.89 -20.40
C ARG F 22 -16.04 33.41 -20.41
N THR F 23 -15.08 32.53 -20.72
CA THR F 23 -15.30 31.09 -20.66
C THR F 23 -14.55 30.49 -19.49
N SER F 24 -14.87 29.25 -19.16
CA SER F 24 -14.13 28.55 -18.11
C SER F 24 -12.65 28.47 -18.45
N TYR F 25 -12.36 28.38 -19.75
CA TYR F 25 -10.99 28.31 -20.27
C TYR F 25 -10.20 29.57 -19.95
N ASP F 26 -10.90 30.71 -19.94
CA ASP F 26 -10.30 32.01 -19.68
C ASP F 26 -9.71 32.11 -18.28
N VAL F 27 -10.19 31.25 -17.39
CA VAL F 27 -9.79 31.33 -16.00
C VAL F 27 -8.47 30.57 -15.78
N LEU F 28 -8.13 29.67 -16.73
CA LEU F 28 -6.92 28.84 -16.66
C LEU F 28 -5.60 29.60 -16.77
N PRO F 29 -4.55 29.15 -16.02
CA PRO F 29 -3.22 29.72 -16.26
C PRO F 29 -2.75 29.35 -17.65
N THR F 30 -1.77 30.05 -18.17
CA THR F 30 -1.31 29.74 -19.51
C THR F 30 -0.66 28.37 -19.63
N SER F 31 -0.06 27.89 -18.55
CA SER F 31 0.62 26.61 -18.51
C SER F 31 0.53 26.04 -17.09
N PHE F 32 -0.18 24.93 -16.96
CA PHE F 32 -0.45 24.36 -15.66
C PHE F 32 -0.32 22.84 -15.72
N ARG F 33 -0.28 22.23 -14.55
CA ARG F 33 -0.29 20.79 -14.41
C ARG F 33 -1.64 20.34 -13.90
N LEU F 34 -2.08 19.19 -14.43
CA LEU F 34 -3.29 18.51 -13.98
C LEU F 34 -2.95 17.08 -13.52
N ILE F 35 -3.27 16.79 -12.26
CA ILE F 35 -3.03 15.45 -11.68
C ILE F 35 -4.31 14.66 -11.77
N VAL F 36 -4.19 13.55 -12.50
CA VAL F 36 -5.28 12.59 -12.84
C VAL F 36 -4.98 11.23 -12.23
N PHE F 37 -6.01 10.51 -11.74
CA PHE F 37 -5.83 9.14 -11.20
C PHE F 37 -6.56 8.09 -12.06
N ASP F 38 -5.89 6.97 -12.36
CA ASP F 38 -6.55 5.77 -12.81
C ASP F 38 -7.72 5.51 -11.84
N VAL F 39 -8.95 5.27 -12.33
CA VAL F 39 -10.04 4.86 -11.41
C VAL F 39 -9.76 3.59 -10.60
N THR F 40 -8.86 2.74 -11.10
CA THR F 40 -8.59 1.46 -10.42
C THR F 40 -7.48 1.51 -9.39
N LEU F 41 -7.00 2.71 -9.09
CA LEU F 41 -6.03 2.90 -8.00
C LEU F 41 -6.71 2.49 -6.71
N PHE F 42 -5.97 1.81 -5.84
CA PHE F 42 -6.45 1.49 -4.49
C PHE F 42 -6.61 2.83 -3.77
N VAL F 43 -7.54 2.89 -2.84
CA VAL F 43 -7.84 4.09 -2.03
C VAL F 43 -6.59 4.55 -1.25
N LYS F 44 -5.87 3.60 -0.71
CA LYS F 44 -4.74 3.91 0.13
C LYS F 44 -3.63 4.62 -0.68
N THR F 45 -3.37 4.15 -1.90
CA THR F 45 -2.43 4.77 -2.84
C THR F 45 -2.92 6.14 -3.19
N SER F 46 -4.22 6.28 -3.39
CA SER F 46 -4.75 7.56 -3.87
C SER F 46 -4.63 8.67 -2.80
N LEU F 47 -4.85 8.34 -1.54
CA LEU F 47 -4.63 9.29 -0.44
C LEU F 47 -3.15 9.68 -0.26
N SER F 48 -2.25 8.71 -0.24
CA SER F 48 -0.81 9.02 -0.34
C SER F 48 -0.48 9.96 -1.52
N LEU F 49 -0.97 9.67 -2.72
CA LEU F 49 -0.73 10.58 -3.86
C LEU F 49 -1.31 11.98 -3.68
N LEU F 50 -2.41 12.10 -2.94
CA LEU F 50 -2.98 13.43 -2.66
C LEU F 50 -2.07 14.24 -1.75
N THR F 51 -1.60 13.63 -0.67
CA THR F 51 -0.83 14.36 0.34
C THR F 51 0.57 14.74 -0.15
N LEU F 52 1.24 13.76 -0.77
CA LEU F 52 2.45 13.90 -1.61
C LEU F 52 2.45 15.11 -2.57
N ASN F 53 1.29 15.38 -3.18
CA ASN F 53 1.19 16.45 -4.13
C ASN F 53 0.52 17.68 -3.56
N ASN F 54 0.23 17.65 -2.27
CA ASN F 54 -0.33 18.79 -1.58
C ASN F 54 -1.69 19.20 -2.16
N ILE F 55 -2.47 18.20 -2.56
CA ILE F 55 -3.78 18.42 -3.15
C ILE F 55 -4.83 17.60 -2.34
N VAL F 56 -6.10 17.91 -2.58
CA VAL F 56 -7.24 17.30 -1.87
C VAL F 56 -8.28 16.71 -2.86
N SER F 57 -7.94 16.71 -4.15
CA SER F 57 -8.88 16.29 -5.12
C SER F 57 -8.17 15.99 -6.43
N ALA F 58 -8.74 15.03 -7.16
CA ALA F 58 -8.15 14.61 -8.44
C ALA F 58 -9.23 14.02 -9.32
N PRO F 59 -9.23 14.40 -10.60
CA PRO F 59 -10.04 13.75 -11.60
C PRO F 59 -9.62 12.29 -11.81
N LEU F 60 -10.60 11.41 -12.03
CA LEU F 60 -10.37 10.01 -12.28
C LEU F 60 -10.54 9.71 -13.77
N TRP F 61 -9.76 8.74 -14.24
CA TRP F 61 -9.67 8.41 -15.65
C TRP F 61 -9.88 6.94 -15.78
N ASP F 62 -10.74 6.57 -16.71
CA ASP F 62 -10.96 5.18 -17.06
C ASP F 62 -10.21 4.87 -18.35
N SER F 63 -9.12 4.12 -18.23
CA SER F 63 -8.25 3.86 -19.37
C SER F 63 -8.98 3.12 -20.48
N GLU F 64 -9.61 2.01 -20.12
CA GLU F 64 -10.25 1.16 -21.11
C GLU F 64 -11.15 2.02 -21.99
N ALA F 65 -12.08 2.73 -21.36
CA ALA F 65 -13.08 3.55 -22.07
C ALA F 65 -12.47 4.82 -22.69
N ASN F 66 -11.46 5.38 -22.02
CA ASN F 66 -10.90 6.69 -22.33
C ASN F 66 -11.91 7.78 -22.05
N LYS F 67 -12.49 7.69 -20.87
CA LYS F 67 -13.52 8.60 -20.40
C LYS F 67 -13.20 9.02 -18.99
N PHE F 68 -13.60 10.25 -18.69
CA PHE F 68 -13.71 10.77 -17.37
C PHE F 68 -14.53 9.81 -16.51
N ALA F 69 -14.05 9.58 -15.29
CA ALA F 69 -14.67 8.62 -14.39
C ALA F 69 -15.06 9.26 -13.04
N GLY F 70 -15.12 10.58 -12.99
CA GLY F 70 -15.54 11.27 -11.80
C GLY F 70 -14.43 12.04 -11.13
N LEU F 71 -14.80 12.69 -10.06
CA LEU F 71 -13.92 13.59 -9.39
C LEU F 71 -13.82 13.02 -8.01
N LEU F 72 -12.60 12.71 -7.59
CA LEU F 72 -12.35 12.27 -6.24
C LEU F 72 -12.14 13.49 -5.36
N THR F 73 -12.98 13.68 -4.35
CA THR F 73 -12.80 14.75 -3.35
C THR F 73 -12.95 14.18 -1.96
N MET F 74 -12.81 15.03 -0.94
CA MET F 74 -12.88 14.55 0.45
CA MET F 74 -12.90 14.62 0.46
C MET F 74 -14.31 14.26 0.87
N ALA F 75 -15.28 14.70 0.05
CA ALA F 75 -16.71 14.38 0.19
C ALA F 75 -16.95 12.86 0.13
N ASP F 76 -16.19 12.19 -0.74
CA ASP F 76 -16.22 10.75 -0.91
C ASP F 76 -15.89 10.04 0.39
N PHE F 77 -14.86 10.49 1.10
CA PHE F 77 -14.55 9.88 2.40
C PHE F 77 -15.51 10.33 3.47
N VAL F 78 -15.83 11.61 3.51
CA VAL F 78 -16.85 12.10 4.45
C VAL F 78 -18.11 11.28 4.39
N ASN F 79 -18.61 11.01 3.18
CA ASN F 79 -19.94 10.38 3.05
C ASN F 79 -19.95 8.90 3.46
N VAL F 80 -18.89 8.20 3.10
CA VAL F 80 -18.73 6.80 3.45
C VAL F 80 -18.53 6.60 4.96
N ILE F 81 -17.74 7.48 5.59
CA ILE F 81 -17.49 7.44 7.04
C ILE F 81 -18.77 7.69 7.75
N LYS F 82 -19.53 8.67 7.28
CA LYS F 82 -20.83 9.00 7.86
C LYS F 82 -21.76 7.77 7.81
N TYR F 83 -21.79 7.12 6.66
CA TYR F 83 -22.62 5.94 6.43
C TYR F 83 -22.25 4.77 7.36
N TYR F 84 -20.96 4.46 7.47
CA TYR F 84 -20.55 3.42 8.43
C TYR F 84 -20.92 3.76 9.86
N TYR F 85 -20.70 4.98 10.29
CA TYR F 85 -20.97 5.37 11.67
C TYR F 85 -22.45 5.34 11.99
N GLN F 86 -23.25 5.70 10.99
CA GLN F 86 -24.69 5.67 11.10
C GLN F 86 -25.23 4.25 11.06
N SER F 87 -24.63 3.42 10.20
CA SER F 87 -25.20 2.13 9.86
C SER F 87 -24.52 0.86 10.43
N SER F 88 -23.27 0.95 10.88
CA SER F 88 -22.56 -0.26 11.34
C SER F 88 -22.56 -0.46 12.85
N SER F 89 -22.89 -1.66 13.30
CA SER F 89 -22.77 -2.05 14.72
C SER F 89 -21.33 -2.38 15.12
N PHE F 90 -20.41 -2.38 14.14
CA PHE F 90 -19.01 -2.75 14.32
C PHE F 90 -18.06 -1.60 13.95
N PRO F 91 -17.44 -0.95 14.96
CA PRO F 91 -16.53 0.20 14.80
C PRO F 91 -15.36 0.01 13.83
N GLU F 92 -14.77 -1.18 13.73
CA GLU F 92 -13.64 -1.37 12.82
C GLU F 92 -14.02 -1.63 11.37
N ALA F 93 -15.33 -1.74 11.09
CA ALA F 93 -15.81 -2.03 9.75
C ALA F 93 -15.31 -1.02 8.70
N ILE F 94 -15.20 0.25 9.12
CA ILE F 94 -14.67 1.36 8.29
C ILE F 94 -13.25 1.12 7.74
N ALA F 95 -12.39 0.48 8.54
CA ALA F 95 -11.03 0.10 8.13
C ALA F 95 -11.02 -0.66 6.79
N GLU F 96 -12.14 -1.32 6.51
CA GLU F 96 -12.34 -2.08 5.30
C GLU F 96 -12.30 -1.25 3.99
N ILE F 97 -12.32 0.08 4.03
CA ILE F 97 -12.28 0.84 2.77
C ILE F 97 -10.87 0.98 2.18
N ASP F 98 -9.87 0.71 3.02
CA ASP F 98 -8.50 0.45 2.56
C ASP F 98 -8.42 -0.81 1.63
N LYS F 99 -9.42 -1.67 1.67
CA LYS F 99 -9.55 -2.74 0.67
C LYS F 99 -9.88 -2.21 -0.76
N PHE F 100 -10.84 -1.28 -0.87
CA PHE F 100 -11.34 -0.79 -2.17
C PHE F 100 -10.33 -0.12 -3.10
N ARG F 101 -10.56 -0.31 -4.39
CA ARG F 101 -10.07 0.60 -5.39
C ARG F 101 -11.10 1.72 -5.48
N LEU F 102 -10.72 2.85 -6.07
CA LEU F 102 -11.61 4.01 -6.18
C LEU F 102 -12.90 3.69 -6.90
N LEU F 103 -12.82 2.79 -7.87
CA LEU F 103 -14.00 2.29 -8.60
C LEU F 103 -15.01 1.64 -7.62
N GLY F 104 -14.50 0.77 -6.74
CA GLY F 104 -15.30 0.12 -5.70
C GLY F 104 -15.88 1.06 -4.68
N LEU F 105 -15.12 2.09 -4.32
CA LEU F 105 -15.58 3.15 -3.41
C LEU F 105 -16.70 4.06 -4.02
N ARG F 106 -16.64 4.35 -5.31
CA ARG F 106 -17.68 5.14 -5.95
C ARG F 106 -19.00 4.34 -6.05
N GLU F 107 -18.86 3.06 -6.39
CA GLU F 107 -19.94 2.11 -6.42
C GLU F 107 -20.70 2.03 -5.07
N VAL F 108 -19.96 1.98 -3.96
CA VAL F 108 -20.58 2.00 -2.63
C VAL F 108 -21.32 3.31 -2.37
N GLU F 109 -20.81 4.40 -2.92
CA GLU F 109 -21.40 5.73 -2.80
C GLU F 109 -22.63 5.91 -3.67
N ARG F 110 -22.65 5.27 -4.84
CA ARG F 110 -23.84 5.20 -5.68
C ARG F 110 -24.93 4.45 -4.93
N LYS F 111 -24.51 3.32 -4.34
CA LYS F 111 -25.33 2.41 -3.54
C LYS F 111 -26.12 3.12 -2.44
N ILE F 112 -25.41 3.91 -1.63
CA ILE F 112 -26.01 4.63 -0.51
C ILE F 112 -26.70 5.96 -0.90
N GLY F 113 -26.62 6.32 -2.18
CA GLY F 113 -27.23 7.54 -2.68
C GLY F 113 -26.41 8.78 -2.46
N ALA F 114 -25.09 8.61 -2.37
CA ALA F 114 -24.18 9.74 -2.15
C ALA F 114 -23.64 10.34 -3.47
N ILE F 115 -23.67 9.56 -4.55
CA ILE F 115 -23.17 10.00 -5.85
C ILE F 115 -24.36 10.22 -6.79
N PRO F 116 -24.44 11.40 -7.41
CA PRO F 116 -25.50 11.75 -8.33
C PRO F 116 -25.59 10.79 -9.52
N PRO F 117 -26.81 10.55 -10.02
CA PRO F 117 -26.97 9.77 -11.26
C PRO F 117 -26.63 10.60 -12.52
N GLU F 118 -26.32 11.89 -12.32
CA GLU F 118 -25.83 12.76 -13.39
C GLU F 118 -24.54 13.47 -12.95
N THR F 119 -23.40 12.95 -13.43
CA THR F 119 -22.11 13.63 -13.22
C THR F 119 -22.05 14.94 -14.01
N ILE F 120 -21.70 16.02 -13.32
CA ILE F 120 -21.72 17.35 -13.93
C ILE F 120 -20.31 17.79 -14.32
N TYR F 121 -20.12 18.03 -15.62
CA TYR F 121 -18.98 18.82 -16.09
C TYR F 121 -19.53 20.02 -16.85
N VAL F 122 -18.64 20.88 -17.31
CA VAL F 122 -18.91 21.72 -18.45
C VAL F 122 -17.88 21.65 -19.58
N HIS F 123 -18.25 22.08 -20.78
CA HIS F 123 -17.25 22.27 -21.82
C HIS F 123 -16.46 23.54 -21.46
N PRO F 124 -15.11 23.49 -21.53
CA PRO F 124 -14.26 24.65 -21.23
C PRO F 124 -14.52 25.90 -22.02
N MET F 125 -14.94 25.78 -23.29
CA MET F 125 -15.15 26.96 -24.18
C MET F 125 -16.56 27.51 -24.12
N HIS F 126 -17.40 26.85 -23.35
CA HIS F 126 -18.70 27.37 -23.01
C HIS F 126 -18.58 28.41 -21.89
N SER F 127 -19.61 29.23 -21.78
CA SER F 127 -19.60 30.41 -20.91
C SER F 127 -19.14 30.08 -19.48
N LEU F 128 -18.47 31.03 -18.84
CA LEU F 128 -18.13 30.88 -17.43
C LEU F 128 -19.38 30.85 -16.57
N MET F 129 -20.45 31.50 -17.05
CA MET F 129 -21.74 31.49 -16.38
C MET F 129 -22.36 30.09 -16.31
N ASP F 130 -22.14 29.29 -17.35
CA ASP F 130 -22.65 27.93 -17.36
C ASP F 130 -22.02 27.14 -16.25
N ALA F 131 -20.74 27.34 -16.02
CA ALA F 131 -20.03 26.64 -14.93
C ALA F 131 -20.57 27.01 -13.54
N CYS F 132 -20.70 28.32 -13.29
CA CYS F 132 -21.26 28.84 -12.04
C CYS F 132 -22.68 28.34 -11.82
N LEU F 133 -23.48 28.32 -12.88
CA LEU F 133 -24.87 27.88 -12.77
C LEU F 133 -24.98 26.41 -12.51
N ALA F 134 -24.12 25.62 -13.15
CA ALA F 134 -24.02 24.18 -12.90
C ALA F 134 -23.60 23.86 -11.48
N MET F 135 -22.63 24.61 -10.94
CA MET F 135 -22.15 24.42 -9.57
C MET F 135 -23.21 24.83 -8.55
N SER F 136 -23.87 25.95 -8.82
CA SER F 136 -25.02 26.41 -8.04
C SER F 136 -26.15 25.35 -7.93
N LYS F 137 -26.49 24.70 -9.05
CA LYS F 137 -27.54 23.66 -9.11
C LYS F 137 -27.09 22.33 -8.45
N SER F 138 -25.86 21.91 -8.72
CA SER F 138 -25.35 20.66 -8.17
C SER F 138 -24.88 20.76 -6.72
N ARG F 139 -24.49 21.94 -6.30
CA ARG F 139 -23.93 22.14 -4.96
C ARG F 139 -22.46 21.70 -4.89
N ALA F 140 -21.93 21.31 -6.04
CA ALA F 140 -20.54 20.96 -6.16
C ALA F 140 -19.71 22.25 -6.04
N ARG F 141 -18.58 22.17 -5.35
CA ARG F 141 -17.72 23.33 -5.06
C ARG F 141 -16.53 23.39 -6.00
N ARG F 142 -16.51 22.44 -6.92
CA ARG F 142 -15.54 22.39 -7.99
C ARG F 142 -16.20 21.57 -9.10
N ILE F 143 -15.75 21.78 -10.33
CA ILE F 143 -16.40 21.22 -11.50
C ILE F 143 -15.34 20.92 -12.60
N PRO F 144 -15.30 19.66 -13.11
CA PRO F 144 -14.31 19.41 -14.14
C PRO F 144 -14.64 20.11 -15.47
N LEU F 145 -13.60 20.41 -16.23
CA LEU F 145 -13.80 21.01 -17.54
C LEU F 145 -13.38 19.96 -18.56
N ILE F 146 -14.37 19.45 -19.29
CA ILE F 146 -14.16 18.31 -20.17
C ILE F 146 -14.56 18.64 -21.59
N ASP F 147 -13.66 18.28 -22.51
CA ASP F 147 -13.87 18.39 -23.94
C ASP F 147 -13.75 16.98 -24.56
N VAL F 148 -14.08 16.85 -25.83
CA VAL F 148 -14.15 15.53 -26.48
C VAL F 148 -13.40 15.52 -27.82
N ASP F 149 -12.43 14.60 -27.93
CA ASP F 149 -11.62 14.51 -29.16
C ASP F 149 -12.40 13.78 -30.27
N GLY F 150 -12.62 14.48 -31.37
CA GLY F 150 -13.37 13.95 -32.51
C GLY F 150 -12.77 12.72 -33.20
N GLU F 151 -11.45 12.73 -33.40
CA GLU F 151 -10.77 11.63 -34.13
C GLU F 151 -10.80 10.33 -33.33
N THR F 152 -10.68 10.46 -32.00
CA THR F 152 -10.68 9.29 -31.11
C THR F 152 -11.99 9.08 -30.33
N GLY F 153 -12.79 10.12 -30.18
CA GLY F 153 -14.00 10.04 -29.34
C GLY F 153 -13.74 10.05 -27.83
N SER F 154 -12.49 10.21 -27.43
CA SER F 154 -12.17 10.19 -26.02
C SER F 154 -12.20 11.58 -25.38
N GLU F 155 -12.46 11.57 -24.07
CA GLU F 155 -12.69 12.77 -23.31
C GLU F 155 -11.35 13.36 -22.92
N MET F 156 -11.18 14.66 -23.16
CA MET F 156 -10.02 15.41 -22.70
C MET F 156 -10.41 16.25 -21.49
N ILE F 157 -9.89 15.82 -20.33
CA ILE F 157 -10.00 16.59 -19.10
C ILE F 157 -8.94 17.70 -19.14
N VAL F 158 -9.44 18.92 -19.18
CA VAL F 158 -8.60 20.06 -19.34
C VAL F 158 -8.21 20.63 -17.98
N SER F 159 -9.18 20.73 -17.07
CA SER F 159 -8.89 21.18 -15.71
C SER F 159 -10.07 20.97 -14.77
N VAL F 160 -9.94 21.46 -13.52
CA VAL F 160 -11.05 21.44 -12.54
C VAL F 160 -11.18 22.84 -12.00
N LEU F 161 -12.36 23.42 -12.13
CA LEU F 161 -12.56 24.79 -11.75
C LEU F 161 -13.16 24.85 -10.35
N THR F 162 -12.50 25.56 -9.43
CA THR F 162 -13.04 25.73 -8.07
C THR F 162 -13.77 27.08 -7.98
N GLN F 163 -14.59 27.24 -6.95
CA GLN F 163 -15.30 28.48 -6.71
C GLN F 163 -14.36 29.59 -6.32
N TYR F 164 -13.26 29.24 -5.64
CA TYR F 164 -12.23 30.18 -5.25
C TYR F 164 -11.53 30.81 -6.46
N ARG F 165 -11.11 29.98 -7.42
CA ARG F 165 -10.46 30.53 -8.62
C ARG F 165 -11.41 31.35 -9.45
N ILE F 166 -12.68 30.98 -9.46
CA ILE F 166 -13.67 31.78 -10.14
C ILE F 166 -13.73 33.15 -9.49
N LEU F 167 -13.87 33.18 -8.16
CA LEU F 167 -14.02 34.43 -7.42
C LEU F 167 -12.76 35.27 -7.56
N LYS F 168 -11.60 34.59 -7.48
CA LYS F 168 -10.31 35.23 -7.62
C LYS F 168 -10.15 35.88 -8.97
N PHE F 169 -10.52 35.15 -10.02
CA PHE F 169 -10.50 35.66 -11.40
C PHE F 169 -11.35 36.93 -11.55
N ILE F 170 -12.49 37.00 -10.86
CA ILE F 170 -13.30 38.21 -10.86
C ILE F 170 -12.63 39.38 -10.13
N SER F 171 -12.08 39.15 -8.93
CA SER F 171 -11.46 40.25 -8.15
C SER F 171 -10.29 40.86 -8.92
N MET F 172 -9.51 40.01 -9.56
CA MET F 172 -8.41 40.46 -10.42
C MET F 172 -8.85 41.19 -11.70
N ASN F 173 -10.04 40.90 -12.21
CA ASN F 173 -10.41 41.37 -13.57
C ASN F 173 -11.57 42.33 -13.67
N CYS F 174 -12.30 42.50 -12.58
CA CYS F 174 -13.38 43.48 -12.55
C CYS F 174 -13.08 44.54 -11.52
N LYS F 175 -12.81 45.75 -12.00
CA LYS F 175 -12.70 46.90 -11.11
C LYS F 175 -14.06 47.17 -10.43
N GLU F 176 -15.13 46.62 -11.00
CA GLU F 176 -16.48 46.79 -10.48
C GLU F 176 -16.67 46.37 -9.02
N THR F 177 -15.86 45.41 -8.55
CA THR F 177 -15.96 44.91 -7.18
C THR F 177 -15.75 45.98 -6.09
N ALA F 178 -15.03 47.04 -6.47
CA ALA F 178 -14.76 48.19 -5.61
C ALA F 178 -16.02 49.06 -5.42
N MET F 179 -17.00 48.87 -6.31
CA MET F 179 -18.25 49.61 -6.28
C MET F 179 -19.30 48.79 -5.51
N LEU F 180 -18.84 47.71 -4.88
CA LEU F 180 -19.68 46.83 -4.06
C LEU F 180 -19.52 47.19 -2.58
N ARG F 181 -20.27 48.22 -2.18
CA ARG F 181 -20.10 48.89 -0.89
C ARG F 181 -21.31 48.76 0.08
N VAL F 182 -22.21 47.80 -0.18
CA VAL F 182 -23.36 47.61 0.71
C VAL F 182 -23.01 46.65 1.84
N PRO F 183 -23.23 47.09 3.11
CA PRO F 183 -22.90 46.23 4.26
C PRO F 183 -23.70 44.94 4.18
N LEU F 184 -23.10 43.89 4.70
CA LEU F 184 -23.63 42.54 4.76
C LEU F 184 -24.99 42.46 5.43
N ASN F 185 -25.20 43.26 6.46
CA ASN F 185 -26.44 43.26 7.22
C ASN F 185 -27.61 44.00 6.52
N GLN F 186 -27.35 44.62 5.37
CA GLN F 186 -28.39 45.28 4.57
C GLN F 186 -28.66 44.42 3.33
N MET F 187 -27.88 43.34 3.22
CA MET F 187 -28.05 42.33 2.17
C MET F 187 -28.70 41.06 2.73
N THR F 188 -29.28 40.26 1.84
CA THR F 188 -29.78 38.95 2.27
C THR F 188 -28.83 37.93 1.66
N ILE F 189 -27.85 37.58 2.47
CA ILE F 189 -26.71 36.78 2.08
C ILE F 189 -26.12 36.13 3.33
N GLY F 190 -25.55 34.93 3.17
CA GLY F 190 -24.96 34.18 4.27
C GLY F 190 -26.01 33.45 5.10
N THR F 191 -25.52 32.75 6.12
CA THR F 191 -26.38 32.00 7.01
C THR F 191 -26.16 32.53 8.41
N TRP F 192 -27.26 32.86 9.09
CA TRP F 192 -27.23 33.64 10.35
C TRP F 192 -27.95 32.98 11.55
N SER F 193 -28.42 31.74 11.38
CA SER F 193 -29.18 31.03 12.41
C SER F 193 -29.09 29.54 12.16
N ASN F 194 -29.43 28.76 13.20
CA ASN F 194 -29.24 27.30 13.22
C ASN F 194 -27.88 26.94 12.67
N LEU F 195 -26.85 27.55 13.25
CA LEU F 195 -25.49 27.31 12.82
C LEU F 195 -25.03 26.01 13.43
N ALA F 196 -24.42 25.16 12.60
CA ALA F 196 -23.76 23.94 13.04
C ALA F 196 -22.38 24.32 13.55
N THR F 197 -22.10 23.97 14.79
CA THR F 197 -20.83 24.32 15.42
C THR F 197 -20.40 23.10 16.20
N ALA F 198 -19.13 23.09 16.60
CA ALA F 198 -18.59 22.05 17.44
C ALA F 198 -17.65 22.71 18.49
N SER F 199 -17.25 21.95 19.50
CA SER F 199 -16.29 22.40 20.49
C SER F 199 -15.02 21.55 20.37
N MET F 200 -14.00 21.89 21.13
CA MET F 200 -12.76 21.10 21.15
C MET F 200 -12.99 19.67 21.69
N GLU F 201 -14.05 19.50 22.50
CA GLU F 201 -14.43 18.20 23.07
C GLU F 201 -15.23 17.29 22.11
N THR F 202 -15.73 17.84 20.99
CA THR F 202 -16.59 17.08 20.09
C THR F 202 -15.75 15.99 19.44
N LYS F 203 -16.34 14.81 19.29
CA LYS F 203 -15.75 13.71 18.53
C LYS F 203 -15.77 14.03 17.05
N VAL F 204 -14.69 13.67 16.38
CA VAL F 204 -14.50 13.97 14.96
C VAL F 204 -15.60 13.32 14.08
N TYR F 205 -15.97 12.08 14.39
CA TYR F 205 -17.05 11.42 13.68
C TYR F 205 -18.38 12.24 13.70
N ASP F 206 -18.62 12.95 14.80
CA ASP F 206 -19.80 13.81 14.94
C ASP F 206 -19.79 15.03 14.03
N VAL F 207 -18.66 15.73 13.95
CA VAL F 207 -18.51 16.76 12.92
C VAL F 207 -18.53 16.21 11.48
N ILE F 208 -18.02 15.01 11.24
CA ILE F 208 -18.18 14.36 9.91
C ILE F 208 -19.67 14.12 9.55
N LYS F 209 -20.45 13.73 10.57
CA LYS F 209 -21.90 13.63 10.51
C LYS F 209 -22.54 14.95 10.08
N MET F 210 -22.23 16.02 10.83
CA MET F 210 -22.67 17.38 10.50
C MET F 210 -22.29 17.79 9.07
N LEU F 211 -21.04 17.52 8.65
CA LEU F 211 -20.59 17.86 7.30
C LEU F 211 -21.39 17.19 6.20
N ALA F 212 -21.60 15.88 6.33
CA ALA F 212 -22.42 15.14 5.37
C ALA F 212 -23.87 15.60 5.38
N GLU F 213 -24.45 15.76 6.59
CA GLU F 213 -25.89 16.00 6.75
C GLU F 213 -26.35 17.41 6.40
N LYS F 214 -25.50 18.39 6.71
CA LYS F 214 -25.74 19.80 6.42
C LYS F 214 -25.23 20.20 5.02
N ASN F 215 -24.38 19.32 4.43
CA ASN F 215 -23.68 19.57 3.16
C ASN F 215 -22.88 20.86 3.19
N ILE F 216 -21.92 20.90 4.11
CA ILE F 216 -21.07 22.04 4.33
C ILE F 216 -19.64 21.50 4.31
N SER F 217 -18.64 22.36 4.04
CA SER F 217 -17.21 21.95 3.92
C SER F 217 -16.35 22.14 5.19
N ALA F 218 -16.89 22.91 6.14
CA ALA F 218 -16.23 23.19 7.40
C ALA F 218 -17.27 23.41 8.47
N VAL F 219 -16.87 23.11 9.71
CA VAL F 219 -17.63 23.38 10.92
C VAL F 219 -16.82 24.30 11.85
N PRO F 220 -17.38 25.47 12.20
CA PRO F 220 -16.67 26.38 13.08
C PRO F 220 -16.58 25.84 14.50
N ILE F 221 -15.44 26.02 15.15
CA ILE F 221 -15.27 25.55 16.53
C ILE F 221 -15.27 26.74 17.48
N VAL F 222 -16.13 26.69 18.49
CA VAL F 222 -16.32 27.79 19.43
C VAL F 222 -16.13 27.25 20.85
N ASN F 223 -15.77 28.12 21.79
CA ASN F 223 -15.74 27.71 23.17
C ASN F 223 -17.15 27.86 23.75
N SER F 224 -17.34 27.60 25.04
CA SER F 224 -18.67 27.67 25.66
C SER F 224 -19.28 29.07 25.81
N GLU F 225 -18.51 30.10 25.46
CA GLU F 225 -18.98 31.48 25.45
C GLU F 225 -19.29 31.97 24.03
N GLY F 226 -19.19 31.07 23.05
CA GLY F 226 -19.50 31.38 21.66
C GLY F 226 -18.36 31.99 20.85
N THR F 227 -17.21 32.15 21.50
CA THR F 227 -16.11 32.80 20.79
C THR F 227 -15.39 31.80 19.91
N LEU F 228 -15.25 32.18 18.64
CA LEU F 228 -14.64 31.39 17.56
C LEU F 228 -13.18 31.13 17.81
N LEU F 229 -12.80 29.85 17.79
CA LEU F 229 -11.42 29.47 18.07
C LEU F 229 -10.72 28.96 16.84
N ASN F 230 -11.41 28.08 16.12
CA ASN F 230 -10.89 27.38 14.96
C ASN F 230 -12.00 26.92 14.02
N VAL F 231 -11.63 25.99 13.13
CA VAL F 231 -12.53 25.42 12.13
C VAL F 231 -12.09 23.98 11.95
N TYR F 232 -13.04 23.08 11.76
CA TYR F 232 -12.70 21.73 11.37
C TYR F 232 -13.24 21.53 9.97
N GLU F 233 -12.36 21.38 8.99
CA GLU F 233 -12.78 21.31 7.59
C GLU F 233 -12.78 19.87 7.11
N SER F 234 -13.53 19.59 6.05
CA SER F 234 -13.45 18.24 5.46
C SER F 234 -12.08 17.96 4.84
N VAL F 235 -11.34 19.00 4.41
CA VAL F 235 -9.88 18.82 4.12
C VAL F 235 -9.04 18.27 5.30
N ASP F 236 -9.49 18.54 6.53
CA ASP F 236 -8.86 18.03 7.77
C ASP F 236 -8.93 16.52 7.97
N VAL F 237 -9.90 15.89 7.30
CA VAL F 237 -10.14 14.45 7.36
C VAL F 237 -9.05 13.67 6.62
N MET F 238 -8.48 14.24 5.56
CA MET F 238 -7.37 13.58 4.88
C MET F 238 -6.19 13.33 5.80
N HIS F 239 -5.92 14.28 6.68
CA HIS F 239 -4.80 14.20 7.61
C HIS F 239 -5.04 13.17 8.70
N LEU F 240 -6.31 12.93 8.97
CA LEU F 240 -6.72 11.91 9.90
C LEU F 240 -6.55 10.52 9.34
N ILE F 241 -6.83 10.33 8.05
CA ILE F 241 -6.83 8.99 7.45
C ILE F 241 -5.66 8.64 6.51
N GLN F 242 -4.84 9.62 6.12
CA GLN F 242 -3.74 9.40 5.16
C GLN F 242 -2.78 8.30 5.65
N ASP F 243 -2.71 8.16 6.97
CA ASP F 243 -1.87 7.19 7.67
C ASP F 243 -2.43 5.75 7.67
N GLY F 244 -3.73 5.61 7.39
CA GLY F 244 -4.43 4.33 7.43
C GLY F 244 -4.99 4.04 8.81
N ASP F 245 -5.06 5.07 9.64
CA ASP F 245 -5.48 4.93 11.03
C ASP F 245 -6.87 5.51 11.23
N TYR F 246 -7.87 4.64 11.07
CA TYR F 246 -9.26 5.06 11.03
C TYR F 246 -9.81 5.27 12.42
N SER F 247 -9.04 4.86 13.42
CA SER F 247 -9.34 5.10 14.83
C SER F 247 -9.01 6.51 15.26
N ASN F 248 -8.28 7.24 14.43
CA ASN F 248 -8.13 8.69 14.60
C ASN F 248 -9.49 9.38 14.49
N LEU F 249 -10.46 8.67 13.91
CA LEU F 249 -11.81 9.23 13.74
C LEU F 249 -12.57 9.33 15.06
N ASP F 250 -12.08 8.63 16.09
CA ASP F 250 -12.64 8.72 17.44
C ASP F 250 -11.97 9.77 18.33
N LEU F 251 -11.03 10.52 17.79
CA LEU F 251 -10.40 11.59 18.53
C LEU F 251 -11.39 12.72 18.70
N SER F 252 -11.12 13.57 19.67
CA SER F 252 -11.84 14.81 19.80
C SER F 252 -11.28 15.78 18.77
N VAL F 253 -12.07 16.79 18.41
CA VAL F 253 -11.62 17.85 17.51
C VAL F 253 -10.30 18.48 17.99
N GLY F 254 -10.20 18.76 19.29
CA GLY F 254 -8.97 19.31 19.86
C GLY F 254 -7.74 18.45 19.60
N GLU F 255 -7.84 17.16 19.92
CA GLU F 255 -6.75 16.21 19.71
C GLU F 255 -6.37 16.11 18.24
N ALA F 256 -7.36 16.08 17.36
CA ALA F 256 -7.11 15.99 15.93
C ALA F 256 -6.47 17.26 15.35
N LEU F 257 -6.86 18.43 15.84
CA LEU F 257 -6.33 19.71 15.35
C LEU F 257 -4.85 19.92 15.73
N LEU F 258 -4.42 19.32 16.84
CA LEU F 258 -3.02 19.42 17.24
C LEU F 258 -2.10 18.69 16.29
N LYS F 259 -2.69 17.83 15.45
CA LYS F 259 -2.00 17.16 14.37
C LYS F 259 -1.96 17.98 13.08
N ARG F 260 -2.60 19.15 13.03
CA ARG F 260 -2.69 19.88 11.77
C ARG F 260 -1.33 20.47 11.38
N PRO F 261 -0.92 20.30 10.12
CA PRO F 261 0.39 20.85 9.71
C PRO F 261 0.29 22.35 9.44
N ALA F 262 1.43 23.03 9.51
CA ALA F 262 1.44 24.48 9.43
C ALA F 262 1.27 24.95 7.97
N ASN F 263 0.40 24.25 7.25
CA ASN F 263 0.01 24.67 5.90
C ASN F 263 -1.50 24.77 5.76
N PHE F 264 -2.22 24.63 6.86
CA PHE F 264 -3.55 25.19 7.00
C PHE F 264 -3.63 26.62 6.47
N ASP F 265 -4.79 26.98 5.93
CA ASP F 265 -4.91 28.17 5.10
C ASP F 265 -5.49 29.36 5.87
N GLY F 266 -5.99 29.08 7.08
CA GLY F 266 -6.24 30.14 8.06
C GLY F 266 -7.72 30.22 8.36
N VAL F 267 -8.11 31.06 9.31
CA VAL F 267 -9.53 31.21 9.64
C VAL F 267 -9.88 32.67 9.41
N HIS F 268 -10.65 32.94 8.37
CA HIS F 268 -10.98 34.31 8.03
C HIS F 268 -12.35 34.69 8.57
N THR F 269 -12.44 35.93 9.00
CA THR F 269 -13.64 36.48 9.64
C THR F 269 -13.99 37.88 9.06
N CYS F 270 -15.24 38.28 9.20
CA CYS F 270 -15.65 39.65 8.92
C CYS F 270 -16.71 40.05 9.94
N ARG F 271 -17.13 41.32 9.85
CA ARG F 271 -18.21 41.83 10.68
C ARG F 271 -19.40 42.06 9.78
N ALA F 272 -20.61 42.06 10.34
CA ALA F 272 -21.84 42.16 9.54
C ALA F 272 -21.93 43.50 8.81
N THR F 273 -20.96 44.37 9.09
CA THR F 273 -20.92 45.72 8.51
C THR F 273 -19.87 45.83 7.39
N ASP F 274 -19.10 44.76 7.18
CA ASP F 274 -18.19 44.72 6.05
C ASP F 274 -18.98 44.64 4.74
N ARG F 275 -18.31 44.90 3.62
CA ARG F 275 -18.94 44.76 2.30
C ARG F 275 -18.21 43.83 1.34
N LEU F 276 -18.82 43.57 0.18
CA LEU F 276 -18.21 42.70 -0.79
C LEU F 276 -16.92 43.28 -1.41
N ASP F 277 -16.75 44.61 -1.33
CA ASP F 277 -15.56 45.27 -1.86
C ASP F 277 -14.27 44.82 -1.15
N GLY F 278 -14.33 44.75 0.18
CA GLY F 278 -13.22 44.32 1.01
C GLY F 278 -13.08 42.81 0.94
N ILE F 279 -14.20 42.11 0.84
CA ILE F 279 -14.20 40.66 0.71
C ILE F 279 -13.51 40.20 -0.57
N PHE F 280 -13.76 40.87 -1.68
CA PHE F 280 -13.12 40.57 -2.95
C PHE F 280 -11.64 40.92 -2.97
N ASP F 281 -11.25 41.90 -2.15
CA ASP F 281 -9.84 42.25 -1.97
C ASP F 281 -9.07 41.17 -1.18
N ALA F 282 -9.75 40.54 -0.22
CA ALA F 282 -9.13 39.48 0.53
C ALA F 282 -8.99 38.21 -0.31
N ILE F 283 -9.99 37.92 -1.14
CA ILE F 283 -9.95 36.80 -2.10
C ILE F 283 -8.80 36.99 -3.13
N LYS F 284 -8.71 38.19 -3.70
CA LYS F 284 -7.59 38.59 -4.54
C LYS F 284 -6.21 38.25 -3.95
N HIS F 285 -6.04 38.34 -2.62
CA HIS F 285 -4.68 38.32 -2.01
C HIS F 285 -4.30 37.09 -1.17
N SER F 286 -5.30 36.32 -0.76
CA SER F 286 -5.06 35.17 0.09
C SER F 286 -6.09 34.12 -0.26
N ARG F 287 -5.89 32.91 0.24
CA ARG F 287 -6.75 31.80 -0.11
C ARG F 287 -7.85 31.70 0.92
N VAL F 288 -8.85 32.56 0.75
CA VAL F 288 -10.03 32.60 1.61
C VAL F 288 -11.06 31.58 1.12
N HIS F 289 -11.54 30.71 2.00
CA HIS F 289 -12.51 29.69 1.58
C HIS F 289 -13.91 29.90 2.11
N ARG F 290 -14.06 30.89 2.99
CA ARG F 290 -15.30 31.19 3.69
C ARG F 290 -14.90 32.28 4.67
N LEU F 291 -15.87 33.02 5.16
CA LEU F 291 -15.66 34.02 6.20
C LEU F 291 -16.65 33.74 7.28
N PHE F 292 -16.17 33.61 8.50
CA PHE F 292 -17.05 33.57 9.66
C PHE F 292 -17.35 34.98 10.11
N VAL F 293 -18.61 35.39 10.01
CA VAL F 293 -19.04 36.66 10.53
C VAL F 293 -19.07 36.62 12.05
N VAL F 294 -18.32 37.53 12.67
CA VAL F 294 -18.21 37.59 14.12
C VAL F 294 -18.45 39.01 14.54
N ASP F 295 -18.76 39.23 15.82
CA ASP F 295 -18.84 40.55 16.37
C ASP F 295 -17.47 41.05 16.85
N GLU F 296 -17.48 42.20 17.52
CA GLU F 296 -16.31 42.79 18.16
C GLU F 296 -15.55 41.83 19.08
N ASN F 297 -16.27 40.95 19.76
CA ASN F 297 -15.65 40.04 20.75
C ASN F 297 -15.28 38.66 20.21
N LEU F 298 -15.32 38.49 18.89
CA LEU F 298 -15.07 37.20 18.22
C LEU F 298 -16.15 36.16 18.45
N LYS F 299 -17.33 36.61 18.87
CA LYS F 299 -18.52 35.80 18.97
C LYS F 299 -19.12 35.58 17.59
N LEU F 300 -19.29 34.30 17.23
CA LEU F 300 -19.80 33.88 15.93
C LEU F 300 -21.28 34.27 15.72
N GLU F 301 -21.57 34.90 14.57
CA GLU F 301 -22.92 35.40 14.23
C GLU F 301 -23.42 34.84 12.90
N GLY F 302 -22.49 34.35 12.07
CA GLY F 302 -22.85 33.90 10.72
C GLY F 302 -21.74 33.29 9.90
N ILE F 303 -22.13 32.71 8.77
CA ILE F 303 -21.18 32.18 7.81
C ILE F 303 -21.44 32.84 6.50
N LEU F 304 -20.37 33.26 5.85
CA LEU F 304 -20.43 33.70 4.48
C LEU F 304 -19.49 32.79 3.71
N SER F 305 -20.04 31.88 2.92
CA SER F 305 -19.19 30.98 2.17
C SER F 305 -18.98 31.45 0.74
N LEU F 306 -18.04 30.82 0.06
CA LEU F 306 -17.74 31.11 -1.33
C LEU F 306 -18.95 30.92 -2.26
N ALA F 307 -19.81 29.95 -1.94
CA ALA F 307 -21.03 29.74 -2.74
C ALA F 307 -22.09 30.79 -2.46
N ASP F 308 -22.20 31.24 -1.21
CA ASP F 308 -22.98 32.43 -0.88
C ASP F 308 -22.55 33.62 -1.76
N ILE F 309 -21.26 33.95 -1.80
CA ILE F 309 -20.78 35.01 -2.71
C ILE F 309 -21.13 34.71 -4.18
N LEU F 310 -20.73 33.54 -4.68
CA LEU F 310 -20.99 33.23 -6.09
C LEU F 310 -22.46 33.33 -6.48
N ASN F 311 -23.34 32.74 -5.67
CA ASN F 311 -24.77 32.78 -5.91
C ASN F 311 -25.38 34.17 -5.80
N TYR F 312 -24.82 35.01 -4.93
CA TYR F 312 -25.31 36.38 -4.83
C TYR F 312 -25.03 37.10 -6.15
N ILE F 313 -23.77 37.02 -6.59
CA ILE F 313 -23.32 37.75 -7.76
C ILE F 313 -23.99 37.24 -9.03
N ILE F 314 -24.36 35.95 -9.08
CA ILE F 314 -24.81 35.36 -10.34
C ILE F 314 -26.33 35.34 -10.56
N TYR F 315 -27.12 35.50 -9.51
CA TYR F 315 -28.58 35.49 -9.67
C TYR F 315 -29.20 36.88 -9.79
N ASP F 316 -30.17 36.99 -10.69
CA ASP F 316 -31.01 38.18 -10.78
C ASP F 316 -32.15 38.08 -9.76
N LYS F 317 -32.35 39.13 -8.97
CA LYS F 317 -33.59 39.27 -8.22
C LYS F 317 -34.74 39.55 -9.18
N THR F 318 -35.37 38.47 -9.68
CA THR F 318 -36.55 38.54 -10.55
C THR F 318 -37.17 37.14 -10.68
N ASP F 328 -32.09 15.40 1.58
CA ASP F 328 -30.86 14.60 1.45
C ASP F 328 -29.81 14.89 2.55
N ASN F 329 -28.96 13.88 2.83
CA ASN F 329 -28.04 13.90 3.96
C ASN F 329 -26.57 13.53 3.65
N PHE F 330 -26.08 13.99 2.50
CA PHE F 330 -24.71 13.74 2.03
C PHE F 330 -24.00 15.01 1.54
N GLU F 331 -22.69 15.02 1.71
CA GLU F 331 -21.88 16.11 1.19
C GLU F 331 -21.62 15.95 -0.31
N SER F 332 -21.68 17.06 -1.01
CA SER F 332 -21.35 17.08 -2.42
C SER F 332 -19.87 17.45 -2.58
N ALA F 333 -19.36 17.40 -3.83
CA ALA F 333 -17.96 17.68 -4.18
C ALA F 333 -17.43 18.84 -3.42
N VAL F 334 -16.34 18.60 -2.72
CA VAL F 334 -15.74 19.60 -1.88
C VAL F 334 -14.41 20.10 -2.49
#